data_3WJ2
#
_entry.id   3WJ2
#
_cell.length_a   62.804
_cell.length_b   137.360
_cell.length_c   76.878
_cell.angle_alpha   90.00
_cell.angle_beta   91.47
_cell.angle_gamma   90.00
#
_symmetry.space_group_name_H-M   'P 1 21 1'
#
loop_
_entity.id
_entity.type
_entity.pdbx_description
1 polymer Carboxylesterase
2 water water
#
_entity_poly.entity_id   1
_entity_poly.type   'polypeptide(L)'
_entity_poly.pdbx_seq_one_letter_code
;MHLMNMVDPDFNSLIELSKSAGDMTKIEPAMLRNFLDESSLSSRGAPVEIKEIKDYKIKLDGRTLNARMYDDNNAKSAIL
YYHGGGFLFGNIETYDNYCRFLAKESGVKIISIEYRLAPEHKFPDAFNDAYDSFHYIAKKKKDFGIEGRIGVAGDSAGAN
LAAALCLKCRDGKTEMPAVQVLFYPSLAPDNFSRSFIEYSDNYVLTGKMIRYFGNMYSKNMQDLINPYFSPLVADDFSNL
PPAIMVTNEYDPLRDPEETYVKKLREAGVRAVGIRGIGMIHGSATDFEVSDGARNIVKMVARIIPDYL
;
_entity_poly.pdbx_strand_id   A,B,C,D
#
# COMPACT_ATOMS: atom_id res chain seq x y z
N MET A 6 -4.27 -1.97 -12.53
CA MET A 6 -4.36 -0.96 -13.65
C MET A 6 -3.04 -0.78 -14.53
N VAL A 7 -2.52 -1.90 -15.00
CA VAL A 7 -1.28 -1.93 -15.83
C VAL A 7 -1.50 -1.11 -17.09
N ASP A 8 -0.47 -0.38 -17.55
CA ASP A 8 -0.64 0.45 -18.75
C ASP A 8 -1.06 -0.54 -19.92
N PRO A 9 -2.10 -0.18 -20.61
CA PRO A 9 -2.59 -1.09 -21.73
C PRO A 9 -1.56 -1.36 -22.76
N ASP A 10 -0.50 -0.54 -22.86
CA ASP A 10 0.60 -0.89 -23.76
C ASP A 10 1.26 -2.26 -23.51
N PHE A 11 1.16 -2.76 -22.31
CA PHE A 11 1.77 -4.07 -21.96
C PHE A 11 0.84 -5.27 -22.12
N ASN A 12 -0.38 -5.02 -22.57
CA ASN A 12 -1.38 -6.12 -22.67
C ASN A 12 -0.84 -7.31 -23.44
N SER A 13 -0.27 -7.02 -24.58
CA SER A 13 0.27 -8.06 -25.45
C SER A 13 1.41 -8.86 -24.82
N LEU A 14 2.34 -8.15 -24.16
CA LEU A 14 3.49 -8.83 -23.60
C LEU A 14 3.01 -9.72 -22.44
N ILE A 15 1.98 -9.29 -21.70
CA ILE A 15 1.55 -10.07 -20.60
C ILE A 15 0.91 -11.36 -21.11
N GLU A 16 0.18 -11.20 -22.22
CA GLU A 16 -0.56 -12.34 -22.81
C GLU A 16 0.41 -13.35 -23.34
N LEU A 17 1.43 -12.87 -24.04
CA LEU A 17 2.42 -13.73 -24.64
C LEU A 17 3.22 -14.47 -23.58
N SER A 18 3.55 -13.79 -22.48
CA SER A 18 4.20 -14.45 -21.39
C SER A 18 3.32 -15.53 -20.69
N LYS A 19 2.00 -15.33 -20.58
CA LYS A 19 1.07 -16.25 -19.95
C LYS A 19 1.02 -17.52 -20.82
N SER A 20 0.98 -17.29 -22.14
CA SER A 20 0.90 -18.34 -23.17
C SER A 20 2.05 -19.31 -23.03
N ALA A 21 3.25 -18.78 -22.80
CA ALA A 21 4.50 -19.57 -22.80
C ALA A 21 4.55 -20.59 -21.65
N GLY A 22 3.90 -20.27 -20.53
CA GLY A 22 3.81 -21.15 -19.39
C GLY A 22 5.16 -21.25 -18.69
N ASP A 23 5.37 -22.29 -17.90
CA ASP A 23 6.58 -22.37 -17.05
C ASP A 23 7.70 -23.04 -17.82
N MET A 24 8.74 -22.28 -18.20
CA MET A 24 9.82 -22.81 -19.00
C MET A 24 11.05 -23.34 -18.21
N THR A 25 10.86 -23.77 -16.96
CA THR A 25 11.95 -24.29 -16.14
C THR A 25 12.69 -25.49 -16.74
N LYS A 26 12.00 -26.30 -17.54
CA LYS A 26 12.63 -27.49 -18.04
C LYS A 26 13.40 -27.30 -19.33
N ILE A 27 13.34 -26.11 -19.91
CA ILE A 27 14.17 -25.79 -21.06
C ILE A 27 15.62 -25.57 -20.61
N GLU A 28 16.58 -26.16 -21.32
CA GLU A 28 18.01 -26.04 -21.07
C GLU A 28 18.33 -24.54 -21.06
N PRO A 29 19.10 -24.07 -20.02
CA PRO A 29 19.40 -22.65 -19.92
C PRO A 29 20.00 -22.03 -21.22
N ALA A 30 20.94 -22.71 -21.92
CA ALA A 30 21.45 -22.17 -23.24
C ALA A 30 20.36 -21.98 -24.25
N MET A 31 19.30 -22.79 -24.17
CA MET A 31 18.20 -22.65 -25.13
C MET A 31 17.23 -21.58 -24.77
N LEU A 32 16.97 -21.41 -23.46
CA LEU A 32 16.19 -20.34 -23.00
C LEU A 32 16.89 -19.02 -23.37
N ARG A 33 18.22 -18.92 -23.13
CA ARG A 33 18.99 -17.76 -23.58
C ARG A 33 18.83 -17.49 -25.06
N ASN A 34 19.02 -18.58 -25.85
CA ASN A 34 18.85 -18.40 -27.30
C ASN A 34 17.51 -17.83 -27.68
N PHE A 35 16.43 -18.45 -27.17
CA PHE A 35 15.09 -18.04 -27.50
C PHE A 35 14.73 -16.61 -27.07
N LEU A 36 15.14 -16.28 -25.82
CA LEU A 36 14.82 -14.92 -25.37
C LEU A 36 15.63 -13.86 -26.10
N ASP A 37 16.85 -14.19 -26.45
CA ASP A 37 17.65 -13.26 -27.23
C ASP A 37 17.10 -13.10 -28.65
N GLU A 38 16.75 -14.23 -29.33
CA GLU A 38 16.18 -14.09 -30.64
C GLU A 38 14.83 -13.38 -30.62
N SER A 39 14.04 -13.61 -29.59
CA SER A 39 12.78 -12.95 -29.43
C SER A 39 12.97 -11.39 -29.35
N SER A 40 13.97 -10.95 -28.58
CA SER A 40 14.32 -9.52 -28.54
C SER A 40 14.72 -8.97 -29.93
N LEU A 41 15.51 -9.72 -30.67
CA LEU A 41 16.00 -9.26 -31.94
C LEU A 41 14.86 -9.19 -32.94
N SER A 42 13.97 -10.18 -32.83
CA SER A 42 12.87 -10.24 -33.79
C SER A 42 11.93 -9.06 -33.66
N SER A 43 11.73 -8.54 -32.46
CA SER A 43 10.83 -7.44 -32.24
C SER A 43 11.47 -6.01 -32.23
N ARG A 44 12.73 -5.88 -32.64
CA ARG A 44 13.43 -4.56 -32.73
C ARG A 44 12.66 -3.62 -33.62
N GLY A 45 12.50 -2.36 -33.23
CA GLY A 45 12.09 -1.29 -34.19
C GLY A 45 13.29 -0.77 -34.97
N ALA A 46 13.10 0.32 -35.73
CA ALA A 46 14.25 0.92 -36.42
C ALA A 46 15.21 1.48 -35.41
N PRO A 47 16.51 1.16 -35.57
CA PRO A 47 17.54 1.68 -34.68
C PRO A 47 17.67 3.20 -34.79
N VAL A 48 17.95 3.88 -33.67
CA VAL A 48 18.23 5.34 -33.73
C VAL A 48 19.66 5.49 -34.26
N GLU A 49 19.83 6.41 -35.23
CA GLU A 49 21.16 6.59 -35.74
C GLU A 49 22.05 7.34 -34.75
N ILE A 50 23.31 6.95 -34.66
CA ILE A 50 24.26 7.45 -33.72
C ILE A 50 25.56 7.82 -34.49
N LYS A 51 26.19 8.93 -34.12
CA LYS A 51 27.38 9.40 -34.87
C LYS A 51 28.54 8.44 -34.91
N GLU A 52 28.89 7.89 -33.73
CA GLU A 52 30.07 7.01 -33.61
C GLU A 52 29.72 5.82 -32.75
N ILE A 53 30.05 4.64 -33.26
CA ILE A 53 29.87 3.35 -32.51
C ILE A 53 31.12 2.56 -32.73
N LYS A 54 31.77 2.14 -31.65
CA LYS A 54 33.04 1.44 -31.73
C LYS A 54 33.02 0.18 -30.89
N ASP A 55 33.56 -0.91 -31.42
CA ASP A 55 33.67 -2.15 -30.61
C ASP A 55 35.01 -2.24 -29.92
N TYR A 56 35.02 -2.75 -28.68
CA TYR A 56 36.27 -2.98 -27.92
C TYR A 56 36.33 -4.38 -27.28
N LYS A 57 37.56 -4.84 -26.99
CA LYS A 57 37.84 -6.01 -26.11
C LYS A 57 38.42 -5.50 -24.82
N ILE A 58 37.88 -5.94 -23.68
CA ILE A 58 38.40 -5.50 -22.41
C ILE A 58 39.11 -6.75 -21.89
N LYS A 59 40.45 -6.74 -21.93
CA LYS A 59 41.22 -7.94 -21.56
C LYS A 59 41.48 -7.93 -20.05
N LEU A 60 40.71 -8.74 -19.33
CA LEU A 60 40.81 -8.79 -17.90
C LEU A 60 41.63 -10.04 -17.53
N ASP A 61 41.86 -10.21 -16.24
CA ASP A 61 42.56 -11.40 -15.77
C ASP A 61 41.72 -12.67 -15.99
N GLY A 62 42.10 -13.49 -16.97
CA GLY A 62 41.46 -14.79 -17.12
C GLY A 62 40.28 -14.80 -18.10
N ARG A 63 39.88 -13.61 -18.60
CA ARG A 63 38.78 -13.53 -19.57
C ARG A 63 38.78 -12.21 -20.29
N THR A 64 38.24 -12.22 -21.49
CA THR A 64 38.10 -10.96 -22.23
C THR A 64 36.59 -10.70 -22.43
N LEU A 65 36.17 -9.45 -22.20
CA LEU A 65 34.78 -9.05 -22.45
C LEU A 65 34.65 -8.19 -23.70
N ASN A 66 33.60 -8.46 -24.45
CA ASN A 66 33.23 -7.48 -25.50
C ASN A 66 32.59 -6.21 -24.89
N ALA A 67 32.85 -5.04 -25.50
CA ALA A 67 32.15 -3.82 -25.10
C ALA A 67 31.88 -3.02 -26.37
N ARG A 68 30.77 -2.28 -26.35
CA ARG A 68 30.38 -1.49 -27.49
C ARG A 68 30.11 -0.08 -27.03
N MET A 69 30.83 0.88 -27.63
CA MET A 69 30.67 2.27 -27.20
C MET A 69 29.81 3.01 -28.22
N TYR A 70 28.81 3.75 -27.74
CA TYR A 70 27.90 4.61 -28.52
C TYR A 70 28.08 6.05 -28.14
N ASP A 71 28.29 6.94 -29.14
CA ASP A 71 28.56 8.32 -28.85
C ASP A 71 27.95 9.14 -29.98
N ASP A 72 26.97 9.97 -29.62
CA ASP A 72 26.25 10.76 -30.56
C ASP A 72 26.66 12.19 -30.51
N ASN A 73 27.66 12.52 -29.69
CA ASN A 73 27.84 13.93 -29.33
C ASN A 73 29.34 14.28 -29.09
N ASN A 74 30.20 13.49 -29.71
CA ASN A 74 31.65 13.57 -29.44
C ASN A 74 31.95 13.84 -27.94
N ALA A 75 31.44 12.97 -27.04
CA ALA A 75 31.28 13.34 -25.66
C ALA A 75 32.51 13.18 -24.79
N LYS A 76 32.64 13.95 -23.73
CA LYS A 76 33.80 13.79 -22.85
C LYS A 76 33.64 12.78 -21.72
N SER A 77 32.38 12.50 -21.33
CA SER A 77 32.12 11.63 -20.22
C SER A 77 31.31 10.44 -20.67
N ALA A 78 31.25 9.51 -19.74
CA ALA A 78 30.65 8.16 -20.16
C ALA A 78 29.90 7.53 -19.03
N ILE A 79 28.97 6.67 -19.46
CA ILE A 79 28.28 5.72 -18.58
C ILE A 79 28.63 4.32 -19.04
N LEU A 80 29.06 3.47 -18.09
CA LEU A 80 29.27 2.04 -18.39
C LEU A 80 27.90 1.38 -18.12
N TYR A 81 27.39 0.65 -19.11
CA TYR A 81 26.05 0.10 -19.02
C TYR A 81 26.11 -1.43 -18.96
N TYR A 82 25.48 -2.01 -17.91
CA TYR A 82 25.44 -3.47 -17.71
C TYR A 82 24.04 -3.90 -18.01
N HIS A 83 23.83 -4.62 -19.16
CA HIS A 83 22.48 -5.05 -19.50
C HIS A 83 21.83 -5.99 -18.51
N GLY A 84 20.49 -6.05 -18.68
CA GLY A 84 19.68 -6.99 -17.88
C GLY A 84 19.50 -8.32 -18.61
N GLY A 85 18.66 -9.16 -18.05
CA GLY A 85 18.51 -10.54 -18.54
C GLY A 85 18.64 -11.60 -17.47
N GLY A 86 18.43 -11.20 -16.23
CA GLY A 86 18.37 -12.25 -15.18
C GLY A 86 19.67 -12.93 -14.81
N PHE A 87 20.80 -12.37 -15.27
CA PHE A 87 22.15 -12.97 -15.23
C PHE A 87 22.33 -14.14 -16.22
N LEU A 88 21.26 -14.44 -16.97
CA LEU A 88 21.29 -15.59 -17.85
C LEU A 88 21.29 -15.23 -19.32
N PHE A 89 20.56 -14.20 -19.68
CA PHE A 89 20.48 -13.81 -21.13
C PHE A 89 20.74 -12.34 -21.37
N GLY A 90 20.49 -11.87 -22.62
CA GLY A 90 20.92 -10.52 -22.97
C GLY A 90 22.36 -10.47 -23.44
N ASN A 91 22.59 -9.52 -24.35
CA ASN A 91 23.95 -9.28 -24.82
C ASN A 91 24.02 -7.96 -25.56
N ILE A 92 25.20 -7.62 -26.08
CA ILE A 92 25.29 -6.33 -26.73
C ILE A 92 24.33 -6.19 -27.92
N GLU A 93 24.20 -7.23 -28.73
CA GLU A 93 23.23 -7.11 -29.82
C GLU A 93 21.79 -6.90 -29.46
N THR A 94 21.34 -7.65 -28.43
CA THR A 94 19.94 -7.47 -28.09
C THR A 94 19.68 -6.16 -27.34
N TYR A 95 20.75 -5.56 -26.80
CA TYR A 95 20.63 -4.26 -26.13
C TYR A 95 20.99 -3.07 -27.02
N ASP A 96 21.30 -3.39 -28.30
CA ASP A 96 21.86 -2.33 -29.18
C ASP A 96 20.82 -1.20 -29.46
N ASN A 97 19.56 -1.52 -29.76
CA ASN A 97 18.57 -0.44 -30.00
C ASN A 97 18.41 0.47 -28.76
N TYR A 98 18.37 -0.16 -27.57
CA TYR A 98 18.15 0.54 -26.36
C TYR A 98 19.43 1.42 -26.03
N CYS A 99 20.63 0.87 -26.15
CA CYS A 99 21.84 1.66 -25.79
C CYS A 99 21.97 2.80 -26.82
N ARG A 100 21.54 2.54 -28.05
CA ARG A 100 21.49 3.69 -29.03
C ARG A 100 20.57 4.78 -28.54
N PHE A 101 19.37 4.41 -28.09
CA PHE A 101 18.45 5.40 -27.57
C PHE A 101 19.06 6.17 -26.33
N LEU A 102 19.71 5.45 -25.39
CA LEU A 102 20.32 6.10 -24.20
C LEU A 102 21.39 7.10 -24.68
N ALA A 103 22.14 6.68 -25.69
CA ALA A 103 23.24 7.57 -26.17
C ALA A 103 22.62 8.80 -26.88
N LYS A 104 21.56 8.63 -27.66
CA LYS A 104 20.89 9.76 -28.40
C LYS A 104 20.31 10.73 -27.34
N GLU A 105 19.69 10.19 -26.27
CA GLU A 105 18.90 11.05 -25.40
C GLU A 105 19.78 11.70 -24.35
N SER A 106 20.90 11.05 -23.92
CA SER A 106 21.74 11.56 -22.91
C SER A 106 22.86 12.45 -23.49
N GLY A 107 23.23 12.20 -24.76
CA GLY A 107 24.40 12.93 -25.37
C GLY A 107 25.72 12.64 -24.69
N VAL A 108 25.82 11.52 -23.94
CA VAL A 108 27.12 11.15 -23.39
C VAL A 108 27.54 9.82 -23.91
N LYS A 109 28.77 9.35 -23.65
CA LYS A 109 29.14 8.07 -24.31
C LYS A 109 28.43 6.96 -23.49
N ILE A 110 27.90 5.96 -24.14
CA ILE A 110 27.37 4.76 -23.46
C ILE A 110 28.21 3.59 -23.83
N ILE A 111 28.78 2.88 -22.86
CA ILE A 111 29.66 1.76 -23.20
C ILE A 111 29.00 0.48 -22.61
N SER A 112 28.43 -0.30 -23.50
CA SER A 112 27.65 -1.48 -23.07
C SER A 112 28.63 -2.62 -22.95
N ILE A 113 28.65 -3.27 -21.77
CA ILE A 113 29.67 -4.29 -21.47
C ILE A 113 29.04 -5.68 -21.37
N GLU A 114 29.66 -6.65 -22.04
CA GLU A 114 29.19 -8.04 -21.97
C GLU A 114 29.85 -8.86 -20.87
N TYR A 115 29.18 -8.97 -19.75
CA TYR A 115 29.70 -9.78 -18.67
C TYR A 115 29.34 -11.24 -18.83
N ARG A 116 30.02 -12.11 -18.08
CA ARG A 116 29.80 -13.57 -18.22
C ARG A 116 28.51 -14.00 -17.60
N LEU A 117 27.82 -14.91 -18.28
CA LEU A 117 26.45 -15.31 -17.94
C LEU A 117 26.33 -16.67 -17.22
N ALA A 118 25.29 -16.73 -16.38
CA ALA A 118 24.92 -17.94 -15.62
C ALA A 118 24.07 -18.80 -16.51
N PRO A 119 23.97 -20.12 -16.16
CA PRO A 119 24.70 -20.83 -15.11
C PRO A 119 26.09 -21.31 -15.47
N GLU A 120 26.53 -21.05 -16.69
CA GLU A 120 27.88 -21.44 -17.04
C GLU A 120 28.89 -20.73 -16.15
N HIS A 121 28.60 -19.46 -15.85
CA HIS A 121 29.50 -18.62 -15.06
C HIS A 121 28.67 -18.14 -13.89
N LYS A 122 28.89 -18.72 -12.71
CA LYS A 122 28.08 -18.32 -11.52
C LYS A 122 28.71 -17.18 -10.73
N PHE A 123 27.88 -16.56 -9.85
CA PHE A 123 28.41 -15.57 -8.93
C PHE A 123 29.71 -16.13 -8.33
N PRO A 124 30.79 -15.32 -8.23
CA PRO A 124 30.85 -13.86 -8.45
C PRO A 124 31.36 -13.44 -9.86
N ASP A 125 31.23 -14.32 -10.87
CA ASP A 125 31.81 -13.96 -12.13
C ASP A 125 31.28 -12.65 -12.76
N ALA A 126 29.94 -12.57 -12.94
CA ALA A 126 29.43 -11.30 -13.52
C ALA A 126 29.78 -10.10 -12.68
N PHE A 127 29.66 -10.27 -11.34
CA PHE A 127 29.99 -9.17 -10.41
C PHE A 127 31.43 -8.71 -10.58
N ASN A 128 32.37 -9.68 -10.67
CA ASN A 128 33.76 -9.37 -10.92
C ASN A 128 33.99 -8.72 -12.28
N ASP A 129 33.23 -9.17 -13.29
CA ASP A 129 33.25 -8.52 -14.53
C ASP A 129 32.83 -7.10 -14.51
N ALA A 130 31.76 -6.80 -13.75
CA ALA A 130 31.35 -5.40 -13.66
C ALA A 130 32.38 -4.52 -12.93
N TYR A 131 32.82 -4.97 -11.78
CA TYR A 131 33.76 -4.19 -10.93
C TYR A 131 35.08 -4.03 -11.63
N ASP A 132 35.61 -5.15 -12.19
CA ASP A 132 36.88 -5.09 -12.95
C ASP A 132 36.80 -4.29 -14.22
N SER A 133 35.67 -4.30 -14.96
CA SER A 133 35.60 -3.47 -16.15
C SER A 133 35.45 -1.95 -15.80
N PHE A 134 34.76 -1.64 -14.69
CA PHE A 134 34.71 -0.22 -14.28
C PHE A 134 36.15 0.25 -14.01
N HIS A 135 36.84 -0.54 -13.20
CA HIS A 135 38.25 -0.12 -12.83
C HIS A 135 39.20 -0.12 -14.02
N TYR A 136 39.04 -1.06 -14.95
CA TYR A 136 39.81 -1.08 -16.18
C TYR A 136 39.63 0.17 -17.00
N ILE A 137 38.39 0.57 -17.22
CA ILE A 137 38.16 1.74 -18.00
C ILE A 137 38.50 3.03 -17.18
N ALA A 138 38.31 3.03 -15.85
CA ALA A 138 38.63 4.25 -15.04
C ALA A 138 40.16 4.52 -15.09
N LYS A 139 40.92 3.41 -15.22
CA LYS A 139 42.43 3.48 -15.24
C LYS A 139 42.94 3.80 -16.59
N LYS A 140 42.16 3.41 -17.60
CA LYS A 140 42.50 3.54 -18.99
C LYS A 140 41.55 4.49 -19.76
N LYS A 141 41.09 5.54 -19.07
CA LYS A 141 40.09 6.44 -19.68
C LYS A 141 40.50 6.92 -21.04
N LYS A 142 41.75 7.36 -21.26
CA LYS A 142 42.13 7.92 -22.59
C LYS A 142 41.94 6.91 -23.78
N ASP A 143 42.04 5.60 -23.51
CA ASP A 143 41.91 4.60 -24.60
C ASP A 143 40.48 4.55 -25.13
N PHE A 144 39.55 5.13 -24.38
CA PHE A 144 38.16 5.16 -24.84
C PHE A 144 37.72 6.56 -25.28
N GLY A 145 38.68 7.47 -25.48
CA GLY A 145 38.28 8.85 -25.84
C GLY A 145 37.58 9.62 -24.72
N ILE A 146 37.72 9.14 -23.49
CA ILE A 146 37.17 9.76 -22.26
C ILE A 146 38.11 10.72 -21.50
N GLU A 147 37.70 11.98 -21.48
CA GLU A 147 38.38 13.08 -20.79
C GLU A 147 37.69 13.51 -19.53
N GLY A 148 36.42 13.10 -19.35
CA GLY A 148 35.71 13.57 -18.16
C GLY A 148 35.44 12.49 -17.14
N ARG A 149 34.18 12.31 -16.76
CA ARG A 149 33.86 11.42 -15.68
C ARG A 149 33.19 10.15 -16.22
N ILE A 150 33.11 9.18 -15.36
CA ILE A 150 32.54 7.85 -15.69
C ILE A 150 31.54 7.49 -14.59
N GLY A 151 30.30 7.10 -14.99
CA GLY A 151 29.32 6.59 -14.06
C GLY A 151 28.98 5.16 -14.52
N VAL A 152 28.04 4.57 -13.81
CA VAL A 152 27.65 3.17 -14.11
C VAL A 152 26.16 3.09 -14.11
N ALA A 153 25.66 2.11 -14.91
CA ALA A 153 24.17 2.02 -15.05
C ALA A 153 23.78 0.60 -15.41
N GLY A 154 22.52 0.25 -15.21
CA GLY A 154 22.04 -1.01 -15.75
C GLY A 154 20.55 -1.14 -15.54
N ASP A 155 19.96 -2.24 -16.07
CA ASP A 155 18.57 -2.56 -15.77
C ASP A 155 18.52 -3.97 -15.25
N SER A 156 17.51 -4.17 -14.36
CA SER A 156 17.25 -5.48 -13.75
C SER A 156 18.56 -6.09 -13.28
N ALA A 157 18.99 -7.28 -13.77
CA ALA A 157 20.29 -7.85 -13.23
C ALA A 157 21.51 -6.97 -13.42
N GLY A 158 21.57 -6.15 -14.50
CA GLY A 158 22.67 -5.29 -14.71
C GLY A 158 22.66 -4.14 -13.69
N ALA A 159 21.49 -3.70 -13.27
CA ALA A 159 21.37 -2.65 -12.26
C ALA A 159 21.79 -3.26 -10.91
N ASN A 160 21.57 -4.54 -10.67
CA ASN A 160 22.22 -5.19 -9.49
C ASN A 160 23.76 -5.03 -9.56
N LEU A 161 24.33 -5.36 -10.74
CA LEU A 161 25.81 -5.28 -10.85
C LEU A 161 26.27 -3.87 -10.65
N ALA A 162 25.53 -2.86 -11.17
CA ALA A 162 25.94 -1.51 -10.99
C ALA A 162 25.92 -1.11 -9.49
N ALA A 163 24.82 -1.45 -8.82
CA ALA A 163 24.70 -1.12 -7.36
C ALA A 163 25.82 -1.86 -6.59
N ALA A 164 26.07 -3.08 -6.97
CA ALA A 164 26.96 -3.99 -6.11
C ALA A 164 28.39 -3.50 -6.33
N LEU A 165 28.74 -3.07 -7.53
CA LEU A 165 30.16 -2.69 -7.76
C LEU A 165 30.46 -1.39 -7.07
N CYS A 166 29.45 -0.52 -6.93
CA CYS A 166 29.62 0.70 -6.18
C CYS A 166 29.93 0.42 -4.71
N LEU A 167 29.27 -0.55 -4.15
CA LEU A 167 29.49 -0.98 -2.74
C LEU A 167 30.94 -1.46 -2.58
N LYS A 168 31.42 -2.22 -3.56
CA LYS A 168 32.81 -2.71 -3.42
C LYS A 168 33.82 -1.60 -3.57
N CYS A 169 33.62 -0.64 -4.49
CA CYS A 169 34.47 0.55 -4.62
C CYS A 169 34.55 1.29 -3.29
N ARG A 170 33.40 1.44 -2.62
CA ARG A 170 33.33 2.24 -1.38
C ARG A 170 34.09 1.44 -0.31
N ASP A 171 33.75 0.15 -0.16
CA ASP A 171 34.42 -0.78 0.80
C ASP A 171 35.95 -0.81 0.66
N GLY A 172 36.47 -0.64 -0.56
CA GLY A 172 37.92 -0.75 -0.78
C GLY A 172 38.54 0.63 -0.86
N LYS A 173 37.70 1.66 -0.63
CA LYS A 173 38.09 3.06 -0.77
C LYS A 173 38.77 3.28 -2.08
N THR A 174 38.28 2.59 -3.13
CA THR A 174 38.84 2.79 -4.45
C THR A 174 38.16 4.01 -5.14
N GLU A 175 38.61 4.37 -6.34
CA GLU A 175 37.93 5.33 -7.22
C GLU A 175 36.45 4.90 -7.29
N MET A 176 35.53 5.87 -7.33
CA MET A 176 34.08 5.63 -7.34
C MET A 176 33.48 6.11 -8.62
N PRO A 177 32.46 5.37 -9.09
CA PRO A 177 31.75 6.00 -10.23
C PRO A 177 31.10 7.32 -9.84
N ALA A 178 30.90 8.18 -10.86
CA ALA A 178 30.35 9.59 -10.77
C ALA A 178 28.85 9.48 -10.32
N VAL A 179 28.16 8.38 -10.75
CA VAL A 179 26.66 8.26 -10.50
C VAL A 179 26.33 6.78 -10.74
N GLN A 180 25.28 6.30 -10.13
CA GLN A 180 24.80 4.90 -10.44
C GLN A 180 23.36 5.08 -10.86
N VAL A 181 23.10 4.62 -12.09
CA VAL A 181 21.73 4.82 -12.63
C VAL A 181 21.07 3.44 -12.66
N LEU A 182 20.05 3.22 -11.80
CA LEU A 182 19.57 1.86 -11.53
C LEU A 182 18.13 1.75 -12.02
N PHE A 183 17.98 1.03 -13.19
CA PHE A 183 16.64 0.68 -13.66
C PHE A 183 16.21 -0.60 -12.97
N TYR A 184 15.29 -0.55 -11.98
CA TYR A 184 14.67 -1.72 -11.33
C TYR A 184 15.59 -2.92 -11.11
N PRO A 185 16.69 -2.77 -10.28
CA PRO A 185 17.58 -3.87 -9.99
C PRO A 185 16.97 -4.95 -9.11
N SER A 186 17.49 -6.18 -9.22
CA SER A 186 17.20 -7.17 -8.17
C SER A 186 18.17 -6.80 -7.04
N LEU A 187 17.73 -6.78 -5.79
CA LEU A 187 18.67 -6.33 -4.73
C LEU A 187 18.69 -7.23 -3.50
N ALA A 188 17.66 -8.07 -3.31
CA ALA A 188 17.48 -8.70 -2.00
C ALA A 188 17.01 -10.12 -2.18
N PRO A 189 17.17 -10.94 -1.09
CA PRO A 189 16.69 -12.35 -1.18
C PRO A 189 15.24 -12.40 -0.82
N ASP A 190 14.43 -11.95 -1.78
CA ASP A 190 12.97 -11.75 -1.52
C ASP A 190 11.99 -12.70 -2.13
N ASN A 191 11.32 -13.53 -1.32
CA ASN A 191 10.15 -14.29 -1.78
C ASN A 191 8.92 -14.00 -0.90
N PHE A 192 8.89 -12.79 -0.36
CA PHE A 192 7.83 -12.48 0.65
C PHE A 192 7.35 -11.11 0.76
N SER A 193 7.97 -10.11 0.13
CA SER A 193 7.43 -8.75 0.24
C SER A 193 6.05 -8.71 -0.39
N ARG A 194 5.31 -7.64 -0.08
CA ARG A 194 4.02 -7.43 -0.71
C ARG A 194 4.09 -7.26 -2.24
N SER A 195 5.08 -6.49 -2.74
CA SER A 195 5.11 -6.45 -4.22
C SER A 195 5.47 -7.80 -4.78
N PHE A 196 6.34 -8.54 -4.06
CA PHE A 196 6.70 -9.83 -4.57
C PHE A 196 5.46 -10.74 -4.74
N ILE A 197 4.65 -10.82 -3.68
CA ILE A 197 3.54 -11.78 -3.71
C ILE A 197 2.35 -11.27 -4.51
N GLU A 198 2.12 -9.96 -4.55
CA GLU A 198 0.97 -9.41 -5.25
C GLU A 198 1.17 -9.41 -6.80
N TYR A 199 2.46 -9.26 -7.20
CA TYR A 199 2.78 -9.18 -8.62
C TYR A 199 3.61 -10.41 -9.10
N SER A 200 3.42 -11.55 -8.39
CA SER A 200 4.23 -12.80 -8.65
C SER A 200 3.78 -13.54 -9.89
N ASP A 201 2.57 -13.28 -10.35
CA ASP A 201 2.11 -13.81 -11.66
C ASP A 201 1.46 -12.78 -12.46
N ASN A 202 1.41 -12.94 -13.80
CA ASN A 202 0.63 -12.03 -14.68
C ASN A 202 1.28 -10.72 -15.09
N TYR A 203 2.52 -10.51 -14.63
CA TYR A 203 3.18 -9.21 -14.87
C TYR A 203 4.50 -9.41 -15.54
N VAL A 204 4.52 -10.41 -16.47
CA VAL A 204 5.71 -10.75 -17.26
C VAL A 204 6.84 -11.41 -16.46
N LEU A 205 7.44 -10.69 -15.53
CA LEU A 205 8.40 -11.30 -14.63
C LEU A 205 7.64 -12.00 -13.49
N THR A 206 7.71 -13.33 -13.36
CA THR A 206 7.04 -14.03 -12.29
C THR A 206 7.93 -14.44 -11.11
N GLY A 207 7.29 -14.72 -9.98
CA GLY A 207 8.01 -15.21 -8.77
C GLY A 207 8.81 -16.51 -9.10
N LYS A 208 8.24 -17.42 -9.91
CA LYS A 208 8.94 -18.64 -10.34
C LYS A 208 10.19 -18.37 -11.20
N MET A 209 10.10 -17.35 -12.06
CA MET A 209 11.29 -16.92 -12.86
C MET A 209 12.31 -16.36 -11.94
N ILE A 210 11.88 -15.51 -10.98
CA ILE A 210 12.88 -14.93 -10.04
C ILE A 210 13.71 -16.01 -9.31
N ARG A 211 13.00 -17.02 -8.79
CA ARG A 211 13.70 -18.10 -8.08
C ARG A 211 14.62 -18.82 -9.05
N TYR A 212 14.15 -19.05 -10.29
CA TYR A 212 14.88 -19.77 -11.34
C TYR A 212 16.23 -19.08 -11.69
N PHE A 213 16.16 -17.78 -11.96
CA PHE A 213 17.36 -16.98 -12.23
C PHE A 213 18.29 -16.92 -11.02
N GLY A 214 17.69 -16.81 -9.83
CA GLY A 214 18.44 -16.78 -8.60
C GLY A 214 19.23 -18.06 -8.39
N ASN A 215 18.58 -19.17 -8.72
CA ASN A 215 19.24 -20.50 -8.61
C ASN A 215 20.30 -20.70 -9.69
N MET A 216 20.08 -20.16 -10.89
CA MET A 216 21.12 -20.25 -11.90
C MET A 216 22.35 -19.41 -11.65
N TYR A 217 22.18 -18.28 -10.97
CA TYR A 217 23.30 -17.39 -10.65
C TYR A 217 24.08 -17.81 -9.42
N SER A 218 23.37 -18.27 -8.40
CA SER A 218 24.06 -18.61 -7.14
C SER A 218 24.75 -19.98 -7.32
N LYS A 219 25.88 -20.12 -6.65
CA LYS A 219 26.53 -21.44 -6.58
C LYS A 219 25.83 -22.24 -5.42
N ASN A 220 24.96 -21.55 -4.71
CA ASN A 220 23.95 -22.14 -3.87
C ASN A 220 24.63 -22.58 -2.55
N ILE A 225 22.83 -14.27 0.68
CA ILE A 225 23.11 -13.32 1.78
C ILE A 225 24.51 -12.72 1.69
N ASN A 226 25.16 -12.69 0.51
CA ASN A 226 26.44 -11.96 0.36
C ASN A 226 26.13 -10.56 -0.31
N PRO A 227 26.68 -9.43 0.20
CA PRO A 227 26.23 -8.06 -0.21
C PRO A 227 26.58 -7.72 -1.66
N TYR A 228 27.56 -8.42 -2.26
CA TYR A 228 27.89 -8.10 -3.66
C TYR A 228 27.02 -8.96 -4.54
N PHE A 229 26.22 -9.88 -3.98
CA PHE A 229 25.14 -10.64 -4.62
C PHE A 229 23.90 -9.82 -4.40
N SER A 230 23.72 -9.43 -3.13
CA SER A 230 22.47 -8.76 -2.68
C SER A 230 22.84 -7.47 -1.92
N PRO A 231 22.92 -6.31 -2.59
CA PRO A 231 23.37 -5.04 -1.95
C PRO A 231 22.52 -4.70 -0.75
N LEU A 232 21.27 -5.16 -0.65
CA LEU A 232 20.45 -4.79 0.55
C LEU A 232 20.94 -5.52 1.85
N VAL A 233 21.79 -6.51 1.69
CA VAL A 233 22.50 -7.08 2.85
C VAL A 233 23.59 -6.15 3.39
N ALA A 234 23.98 -5.06 2.72
CA ALA A 234 25.13 -4.24 3.14
C ALA A 234 24.84 -3.66 4.51
N ASP A 235 25.96 -3.52 5.24
CA ASP A 235 26.04 -2.91 6.56
C ASP A 235 25.57 -1.47 6.48
N ASP A 236 26.22 -0.70 5.62
CA ASP A 236 26.27 0.71 5.68
C ASP A 236 26.14 1.21 4.23
N PHE A 237 25.36 2.26 3.99
CA PHE A 237 25.15 2.86 2.67
C PHE A 237 25.85 4.19 2.47
N SER A 238 26.71 4.60 3.43
CA SER A 238 27.31 5.90 3.27
C SER A 238 28.40 5.90 2.23
N ASN A 239 28.61 7.07 1.63
CA ASN A 239 29.67 7.40 0.70
C ASN A 239 29.61 6.65 -0.62
N LEU A 240 28.38 6.28 -0.96
CA LEU A 240 28.11 5.67 -2.31
C LEU A 240 27.90 6.78 -3.35
N PRO A 241 28.02 6.48 -4.68
CA PRO A 241 27.78 7.53 -5.73
C PRO A 241 26.27 7.97 -5.71
N PRO A 242 26.04 9.24 -6.03
CA PRO A 242 24.69 9.86 -6.27
C PRO A 242 23.91 8.78 -7.10
N ALA A 243 22.64 8.58 -6.77
CA ALA A 243 21.89 7.54 -7.49
C ALA A 243 20.64 8.08 -8.12
N ILE A 244 20.25 7.40 -9.23
CA ILE A 244 18.91 7.59 -9.85
C ILE A 244 18.31 6.17 -9.81
N MET A 245 17.17 6.08 -9.12
CA MET A 245 16.51 4.75 -9.02
C MET A 245 15.16 4.81 -9.73
N VAL A 246 14.94 3.86 -10.69
CA VAL A 246 13.61 3.81 -11.31
C VAL A 246 12.98 2.46 -10.99
N THR A 247 11.80 2.56 -10.42
CA THR A 247 10.97 1.35 -10.08
C THR A 247 9.73 1.37 -10.92
N ASN A 248 9.13 0.18 -10.99
CA ASN A 248 7.86 0.03 -11.72
C ASN A 248 6.73 -0.29 -10.76
N GLU A 249 5.59 0.35 -10.96
CA GLU A 249 4.43 0.07 -10.05
C GLU A 249 4.15 -1.46 -9.90
N TYR A 250 4.04 -2.11 -11.05
CA TYR A 250 3.44 -3.54 -11.03
C TYR A 250 4.58 -4.49 -11.33
N ASP A 251 5.45 -4.65 -10.35
CA ASP A 251 6.65 -5.47 -10.56
C ASP A 251 7.01 -6.11 -9.24
N PRO A 252 7.23 -7.41 -9.20
CA PRO A 252 7.51 -8.05 -7.89
C PRO A 252 8.80 -7.54 -7.24
N LEU A 253 9.76 -6.99 -8.01
CA LEU A 253 11.01 -6.46 -7.48
C LEU A 253 10.91 -5.01 -6.91
N ARG A 254 9.74 -4.40 -6.97
CA ARG A 254 9.57 -2.94 -6.62
C ARG A 254 9.90 -2.63 -5.14
N ASP A 255 9.32 -3.43 -4.24
CA ASP A 255 9.48 -2.89 -2.84
C ASP A 255 10.90 -2.82 -2.35
N PRO A 256 11.74 -3.84 -2.62
CA PRO A 256 13.14 -3.68 -2.12
C PRO A 256 13.90 -2.51 -2.72
N GLU A 257 13.55 -2.19 -4.01
CA GLU A 257 14.18 -1.08 -4.67
C GLU A 257 13.78 0.24 -3.99
N GLU A 258 12.53 0.39 -3.58
CA GLU A 258 12.08 1.65 -3.01
C GLU A 258 12.72 1.68 -1.59
N THR A 259 12.80 0.53 -0.94
CA THR A 259 13.61 0.52 0.33
C THR A 259 15.06 1.01 0.07
N TYR A 260 15.80 0.57 -0.99
CA TYR A 260 17.16 0.95 -1.22
C TYR A 260 17.35 2.44 -1.38
N VAL A 261 16.49 3.11 -2.14
CA VAL A 261 16.55 4.58 -2.32
C VAL A 261 16.41 5.27 -0.93
N LYS A 262 15.52 4.72 -0.09
CA LYS A 262 15.21 5.31 1.30
C LYS A 262 16.45 5.10 2.16
N LYS A 263 17.08 3.93 2.06
CA LYS A 263 18.36 3.69 2.78
C LYS A 263 19.51 4.58 2.31
N LEU A 264 19.65 4.86 0.99
CA LEU A 264 20.71 5.71 0.47
C LEU A 264 20.46 7.07 1.10
N ARG A 265 19.23 7.54 1.07
CA ARG A 265 18.97 8.95 1.52
C ARG A 265 19.23 9.02 3.06
N GLU A 266 18.90 7.94 3.78
CA GLU A 266 19.08 7.90 5.29
C GLU A 266 20.59 8.05 5.56
N ALA A 267 21.42 7.53 4.66
CA ALA A 267 22.89 7.59 4.74
C ALA A 267 23.50 8.81 4.24
N GLY A 268 22.68 9.79 3.82
CA GLY A 268 23.17 10.99 3.17
C GLY A 268 23.80 10.94 1.80
N VAL A 269 23.43 9.93 1.00
CA VAL A 269 23.82 9.82 -0.34
C VAL A 269 22.73 10.57 -1.16
N ARG A 270 23.17 11.35 -2.13
CA ARG A 270 22.26 11.98 -3.05
C ARG A 270 21.52 10.88 -3.84
N ALA A 271 20.18 10.96 -3.85
CA ALA A 271 19.45 9.95 -4.65
C ALA A 271 18.13 10.53 -5.04
N VAL A 272 17.66 10.13 -6.21
CA VAL A 272 16.30 10.49 -6.66
C VAL A 272 15.70 9.17 -7.13
N GLY A 273 14.51 8.94 -6.64
CA GLY A 273 13.79 7.69 -6.96
C GLY A 273 12.43 8.02 -7.51
N ILE A 274 12.10 7.35 -8.66
CA ILE A 274 10.77 7.49 -9.25
C ILE A 274 10.16 6.17 -9.51
N ARG A 275 8.89 6.05 -9.16
CA ARG A 275 8.07 4.84 -9.49
C ARG A 275 7.25 5.18 -10.72
N GLY A 276 7.37 4.34 -11.73
CA GLY A 276 6.55 4.55 -12.96
C GLY A 276 5.15 3.96 -12.81
N ILE A 277 4.17 4.80 -12.91
CA ILE A 277 2.75 4.44 -12.61
C ILE A 277 2.28 3.55 -13.81
N GLY A 278 1.78 2.38 -13.47
CA GLY A 278 1.31 1.45 -14.48
C GLY A 278 2.39 0.64 -15.16
N MET A 279 3.65 0.79 -14.79
CA MET A 279 4.73 0.13 -15.45
C MET A 279 5.00 -1.29 -14.90
N ILE A 280 5.68 -2.08 -15.73
CA ILE A 280 6.02 -3.48 -15.32
C ILE A 280 7.50 -3.70 -15.51
N HIS A 281 8.02 -4.79 -15.01
CA HIS A 281 9.44 -5.12 -15.13
C HIS A 281 9.83 -5.20 -16.61
N GLY A 282 10.93 -4.55 -16.94
CA GLY A 282 11.37 -4.53 -18.36
C GLY A 282 10.90 -3.30 -19.04
N SER A 283 10.21 -2.40 -18.32
CA SER A 283 9.61 -1.18 -18.93
C SER A 283 10.68 -0.40 -19.75
N ALA A 284 11.92 -0.24 -19.31
CA ALA A 284 12.90 0.61 -19.99
C ALA A 284 13.24 -0.05 -21.36
N THR A 285 13.44 -1.34 -21.40
CA THR A 285 13.83 -1.98 -22.69
C THR A 285 12.54 -2.16 -23.52
N ASP A 286 11.36 -1.83 -22.99
CA ASP A 286 10.08 -1.81 -23.79
C ASP A 286 9.83 -0.38 -24.37
N PHE A 287 10.88 0.45 -24.46
CA PHE A 287 10.67 1.86 -24.87
C PHE A 287 10.05 2.01 -26.33
N GLU A 288 10.17 0.92 -27.06
CA GLU A 288 9.58 0.94 -28.46
C GLU A 288 8.12 0.61 -28.49
N VAL A 289 7.61 0.05 -27.43
CA VAL A 289 6.21 -0.34 -27.39
C VAL A 289 5.30 0.39 -26.41
N SER A 290 5.90 1.16 -25.46
CA SER A 290 5.13 1.93 -24.51
C SER A 290 5.65 3.35 -24.50
N ASP A 291 4.79 4.32 -24.80
CA ASP A 291 5.26 5.71 -24.82
C ASP A 291 5.51 6.11 -23.37
N GLY A 292 4.77 5.58 -22.42
CA GLY A 292 5.02 6.10 -21.02
C GLY A 292 6.40 5.61 -20.65
N ALA A 293 6.73 4.31 -20.93
CA ALA A 293 8.04 3.81 -20.64
C ALA A 293 9.16 4.63 -21.35
N ARG A 294 8.87 4.92 -22.62
CA ARG A 294 9.84 5.75 -23.39
C ARG A 294 10.07 7.08 -22.70
N ASN A 295 9.06 7.72 -22.25
CA ASN A 295 9.20 9.02 -21.59
C ASN A 295 9.96 8.89 -20.26
N ILE A 296 9.76 7.77 -19.54
CA ILE A 296 10.59 7.56 -18.35
C ILE A 296 12.05 7.41 -18.64
N VAL A 297 12.40 6.68 -19.67
CA VAL A 297 13.78 6.52 -20.04
C VAL A 297 14.32 7.84 -20.49
N LYS A 298 13.54 8.57 -21.31
CA LYS A 298 14.06 9.93 -21.78
C LYS A 298 14.30 10.85 -20.60
N MET A 299 13.40 10.89 -19.61
CA MET A 299 13.53 11.69 -18.35
C MET A 299 14.90 11.41 -17.69
N VAL A 300 15.19 10.12 -17.49
CA VAL A 300 16.40 9.70 -16.84
C VAL A 300 17.60 10.01 -17.71
N ALA A 301 17.57 9.67 -19.01
CA ALA A 301 18.77 9.88 -19.85
C ALA A 301 19.10 11.36 -19.94
N ARG A 302 18.07 12.22 -19.95
CA ARG A 302 18.26 13.69 -20.09
C ARG A 302 18.86 14.40 -18.93
N ILE A 303 18.78 13.78 -17.74
CA ILE A 303 19.45 14.22 -16.50
C ILE A 303 20.83 13.65 -16.27
N ILE A 304 21.13 12.52 -16.88
CA ILE A 304 22.44 11.86 -16.72
C ILE A 304 23.67 12.84 -16.94
N PRO A 305 23.62 13.65 -18.03
CA PRO A 305 24.84 14.46 -18.26
C PRO A 305 25.15 15.37 -17.10
N ASP A 306 24.16 15.81 -16.33
CA ASP A 306 24.39 16.68 -15.15
C ASP A 306 25.28 16.11 -14.05
N TYR A 307 25.44 14.79 -14.00
CA TYR A 307 26.27 14.18 -13.00
C TYR A 307 27.73 14.02 -13.51
N LEU A 308 27.97 14.26 -14.80
CA LEU A 308 29.26 13.88 -15.52
C LEU A 308 30.03 15.15 -16.02
N ASN B 5 1.20 8.11 11.43
CA ASN B 5 0.07 7.76 10.50
C ASN B 5 -1.22 7.70 11.33
N MET B 6 -2.03 6.63 11.27
CA MET B 6 -3.20 6.63 12.10
C MET B 6 -3.15 5.48 13.17
N VAL B 7 -1.98 5.35 13.79
CA VAL B 7 -1.81 4.36 14.93
C VAL B 7 -2.92 4.63 15.97
N ASP B 8 -3.56 3.61 16.53
CA ASP B 8 -4.67 3.77 17.49
C ASP B 8 -4.08 4.59 18.72
N PRO B 9 -4.79 5.66 19.10
CA PRO B 9 -4.15 6.54 20.12
C PRO B 9 -3.94 5.88 21.45
N ASP B 10 -4.63 4.76 21.73
CA ASP B 10 -4.29 3.92 22.88
C ASP B 10 -2.81 3.55 22.98
N PHE B 11 -2.07 3.51 21.88
CA PHE B 11 -0.63 3.16 21.97
C PHE B 11 0.30 4.37 22.15
N ASN B 12 -0.25 5.60 22.26
CA ASN B 12 0.65 6.76 22.28
C ASN B 12 1.61 6.66 23.49
N SER B 13 1.11 6.32 24.68
CA SER B 13 2.00 6.10 25.82
C SER B 13 3.12 5.12 25.61
N LEU B 14 2.82 3.96 24.99
CA LEU B 14 3.88 2.94 24.74
C LEU B 14 4.91 3.42 23.75
N ILE B 15 4.49 4.12 22.70
CA ILE B 15 5.38 4.69 21.74
C ILE B 15 6.32 5.70 22.40
N GLU B 16 5.73 6.53 23.25
CA GLU B 16 6.56 7.54 23.99
C GLU B 16 7.54 6.86 24.93
N LEU B 17 7.12 5.82 25.61
CA LEU B 17 7.96 5.11 26.58
C LEU B 17 9.09 4.39 25.87
N SER B 18 8.75 3.76 24.73
CA SER B 18 9.77 3.19 23.89
C SER B 18 10.82 4.22 23.43
N LYS B 19 10.38 5.42 23.00
CA LYS B 19 11.30 6.50 22.63
C LYS B 19 12.21 6.92 23.85
N SER B 20 11.60 6.93 25.01
CA SER B 20 12.36 7.44 26.18
C SER B 20 13.50 6.47 26.59
N ALA B 21 13.41 5.19 26.19
CA ALA B 21 14.45 4.27 26.60
C ALA B 21 15.69 4.35 25.74
N GLY B 22 15.57 4.99 24.56
CA GLY B 22 16.67 5.23 23.64
C GLY B 22 17.03 3.93 22.92
N ASP B 23 18.21 3.95 22.32
CA ASP B 23 18.75 2.84 21.53
C ASP B 23 19.37 1.77 22.42
N MET B 24 18.69 0.66 22.58
CA MET B 24 19.23 -0.38 23.46
C MET B 24 20.06 -1.48 22.76
N THR B 25 20.48 -1.19 21.53
CA THR B 25 21.24 -2.19 20.76
C THR B 25 22.68 -2.33 21.16
N LYS B 26 23.23 -1.41 21.98
CA LYS B 26 24.56 -1.64 22.51
C LYS B 26 24.53 -2.13 23.97
N ILE B 27 23.33 -2.45 24.47
CA ILE B 27 23.13 -3.06 25.83
C ILE B 27 23.45 -4.55 25.75
N GLU B 28 24.13 -5.07 26.78
CA GLU B 28 24.46 -6.49 26.86
C GLU B 28 23.17 -7.28 27.04
N PRO B 29 23.03 -8.42 26.35
CA PRO B 29 21.72 -9.09 26.40
C PRO B 29 21.17 -9.43 27.77
N ALA B 30 21.98 -9.93 28.70
CA ALA B 30 21.41 -10.28 30.01
C ALA B 30 20.89 -9.02 30.75
N MET B 31 21.57 -7.89 30.56
CA MET B 31 21.05 -6.64 31.18
C MET B 31 19.77 -6.16 30.56
N LEU B 32 19.69 -6.30 29.22
CA LEU B 32 18.47 -5.91 28.54
C LEU B 32 17.28 -6.79 28.93
N ARG B 33 17.51 -8.07 29.09
CA ARG B 33 16.48 -9.01 29.51
C ARG B 33 15.94 -8.60 30.87
N ASN B 34 16.87 -8.35 31.81
CA ASN B 34 16.44 -7.88 33.11
C ASN B 34 15.61 -6.58 33.01
N PHE B 35 16.09 -5.61 32.23
CA PHE B 35 15.36 -4.39 32.09
C PHE B 35 13.97 -4.62 31.55
N LEU B 36 13.87 -5.38 30.46
CA LEU B 36 12.59 -5.47 29.84
C LEU B 36 11.64 -6.38 30.66
N ASP B 37 12.15 -7.46 31.28
CA ASP B 37 11.22 -8.33 31.99
C ASP B 37 10.75 -7.63 33.29
N GLU B 38 11.71 -7.00 34.00
CA GLU B 38 11.33 -6.36 35.27
C GLU B 38 10.48 -5.11 35.06
N SER B 39 10.79 -4.34 34.03
CA SER B 39 9.93 -3.22 33.61
C SER B 39 8.49 -3.67 33.41
N SER B 40 8.32 -4.79 32.70
CA SER B 40 7.01 -5.35 32.45
C SER B 40 6.28 -5.79 33.75
N LEU B 41 6.96 -6.49 34.64
CA LEU B 41 6.30 -6.95 35.88
C LEU B 41 5.89 -5.74 36.76
N SER B 42 6.75 -4.73 36.78
CA SER B 42 6.51 -3.50 37.64
C SER B 42 5.28 -2.71 37.24
N SER B 43 4.87 -2.82 35.97
CA SER B 43 3.91 -1.88 35.43
C SER B 43 2.65 -2.57 35.02
N ARG B 44 2.56 -3.88 35.25
CA ARG B 44 1.37 -4.63 34.81
C ARG B 44 0.16 -4.37 35.68
N GLY B 45 -1.01 -4.72 35.12
CA GLY B 45 -2.29 -4.58 35.77
C GLY B 45 -2.72 -5.76 36.59
N ALA B 46 -4.01 -5.71 36.97
CA ALA B 46 -4.68 -6.74 37.78
C ALA B 46 -4.85 -8.00 36.97
N PRO B 47 -4.45 -9.18 37.49
CA PRO B 47 -4.68 -10.45 36.73
C PRO B 47 -6.13 -10.94 36.82
N VAL B 48 -6.58 -11.55 35.72
CA VAL B 48 -7.87 -12.21 35.65
C VAL B 48 -7.83 -13.54 36.43
N GLU B 49 -8.91 -13.79 37.18
CA GLU B 49 -9.06 -15.02 37.99
C GLU B 49 -9.24 -16.22 37.14
N ILE B 50 -8.46 -17.25 37.48
CA ILE B 50 -8.58 -18.52 36.83
C ILE B 50 -8.77 -19.66 37.84
N LYS B 51 -9.72 -20.56 37.56
CA LYS B 51 -10.03 -21.69 38.49
C LYS B 51 -8.82 -22.55 38.88
N GLU B 52 -8.08 -23.01 37.88
CA GLU B 52 -6.90 -23.83 38.20
C GLU B 52 -5.65 -23.40 37.48
N ILE B 53 -4.59 -23.24 38.26
CA ILE B 53 -3.27 -22.93 37.68
C ILE B 53 -2.25 -23.91 38.27
N LYS B 54 -1.44 -24.53 37.41
CA LYS B 54 -0.48 -25.50 37.90
C LYS B 54 0.82 -25.38 37.14
N ASP B 55 1.91 -25.44 37.89
CA ASP B 55 3.28 -25.40 37.35
C ASP B 55 3.84 -26.78 37.12
N TYR B 56 4.51 -26.99 35.95
CA TYR B 56 5.11 -28.29 35.57
C TYR B 56 6.55 -28.13 35.18
N LYS B 57 7.30 -29.24 35.31
CA LYS B 57 8.65 -29.33 34.70
C LYS B 57 8.52 -30.22 33.49
N ILE B 58 8.93 -29.76 32.32
CA ILE B 58 8.86 -30.57 31.08
C ILE B 58 10.25 -31.13 30.94
N LYS B 59 10.36 -32.41 31.19
CA LYS B 59 11.69 -33.09 31.27
C LYS B 59 12.14 -33.59 29.91
N LEU B 60 12.69 -32.69 29.08
CA LEU B 60 13.09 -33.06 27.73
C LEU B 60 14.52 -33.69 27.81
N ASP B 61 14.99 -34.18 26.69
CA ASP B 61 16.36 -34.74 26.63
C ASP B 61 17.41 -33.67 26.81
N GLY B 62 18.20 -33.76 27.90
CA GLY B 62 19.26 -32.74 28.03
C GLY B 62 18.89 -31.43 28.70
N ARG B 63 17.59 -31.14 28.98
CA ARG B 63 17.23 -29.89 29.59
C ARG B 63 15.79 -30.02 30.06
N THR B 64 15.47 -29.28 31.12
CA THR B 64 14.10 -29.24 31.64
C THR B 64 13.57 -27.79 31.47
N LEU B 65 12.31 -27.69 31.02
CA LEU B 65 11.71 -26.37 30.84
C LEU B 65 10.63 -26.19 31.91
N ASN B 66 10.47 -24.96 32.32
CA ASN B 66 9.27 -24.63 33.10
C ASN B 66 8.04 -24.55 32.19
N ALA B 67 6.87 -24.94 32.70
CA ALA B 67 5.56 -24.73 32.00
C ALA B 67 4.49 -24.40 32.99
N ARG B 68 3.61 -23.47 32.65
CA ARG B 68 2.46 -23.18 33.53
C ARG B 68 1.19 -23.46 32.79
N MET B 69 0.30 -24.24 33.39
CA MET B 69 -0.97 -24.60 32.83
C MET B 69 -2.11 -23.80 33.48
N TYR B 70 -2.92 -23.14 32.64
CA TYR B 70 -4.05 -22.28 33.10
C TYR B 70 -5.28 -22.92 32.60
N ASP B 71 -6.30 -23.13 33.45
CA ASP B 71 -7.47 -23.84 32.97
C ASP B 71 -8.65 -23.29 33.76
N ASP B 72 -9.50 -22.53 33.08
CA ASP B 72 -10.67 -21.95 33.77
C ASP B 72 -11.91 -22.78 33.62
N ASN B 73 -11.84 -23.96 33.03
CA ASN B 73 -13.06 -24.60 32.51
C ASN B 73 -13.01 -26.14 32.53
N ASN B 74 -12.16 -26.71 33.40
CA ASN B 74 -11.78 -28.14 33.40
C ASN B 74 -11.70 -28.74 31.96
N ALA B 75 -10.97 -28.06 31.06
CA ALA B 75 -11.09 -28.39 29.65
C ALA B 75 -10.43 -29.66 29.22
N LYS B 76 -10.97 -30.29 28.19
CA LYS B 76 -10.47 -31.54 27.62
C LYS B 76 -9.22 -31.30 26.75
N SER B 77 -9.22 -30.11 26.12
CA SER B 77 -8.17 -29.83 25.05
C SER B 77 -7.26 -28.67 25.51
N ALA B 78 -6.13 -28.51 24.76
CA ALA B 78 -5.12 -27.57 25.18
C ALA B 78 -4.48 -26.86 24.02
N ILE B 79 -3.99 -25.65 24.34
CA ILE B 79 -3.03 -24.95 23.42
C ILE B 79 -1.70 -24.83 24.15
N LEU B 80 -0.60 -25.24 23.50
CA LEU B 80 0.73 -24.96 24.04
C LEU B 80 1.08 -23.56 23.55
N TYR B 81 1.45 -22.67 24.47
CA TYR B 81 1.68 -21.24 24.14
C TYR B 81 3.13 -20.97 24.30
N TYR B 82 3.76 -20.37 23.28
CA TYR B 82 5.14 -19.99 23.35
C TYR B 82 5.26 -18.47 23.28
N HIS B 83 5.74 -17.89 24.39
CA HIS B 83 5.68 -16.40 24.49
C HIS B 83 6.64 -15.72 23.52
N GLY B 84 6.40 -14.46 23.30
CA GLY B 84 7.30 -13.56 22.50
C GLY B 84 8.44 -12.94 23.27
N GLY B 85 9.12 -12.00 22.66
CA GLY B 85 10.38 -11.46 23.30
C GLY B 85 11.69 -11.57 22.49
N GLY B 86 11.48 -11.66 21.13
CA GLY B 86 12.68 -11.59 20.29
C GLY B 86 13.64 -12.73 20.41
N PHE B 87 13.25 -13.82 21.10
CA PHE B 87 14.11 -14.97 21.39
C PHE B 87 15.03 -14.70 22.57
N LEU B 88 14.89 -13.48 23.12
CA LEU B 88 15.92 -13.00 24.08
C LEU B 88 15.30 -12.79 25.45
N PHE B 89 14.09 -12.29 25.49
CA PHE B 89 13.43 -11.98 26.76
C PHE B 89 12.05 -12.57 26.86
N GLY B 90 11.32 -12.20 27.90
CA GLY B 90 10.01 -12.73 28.25
C GLY B 90 10.15 -14.04 29.05
N ASN B 91 9.10 -14.37 29.80
CA ASN B 91 9.05 -15.60 30.60
C ASN B 91 7.63 -15.80 31.09
N ILE B 92 7.42 -16.91 31.81
CA ILE B 92 6.13 -17.22 32.26
C ILE B 92 5.52 -16.08 33.12
N GLU B 93 6.33 -15.51 33.99
CA GLU B 93 5.80 -14.46 34.84
C GLU B 93 5.44 -13.24 34.05
N THR B 94 6.24 -12.85 33.02
CA THR B 94 5.86 -11.61 32.36
C THR B 94 4.59 -11.82 31.47
N TYR B 95 4.38 -13.10 31.06
CA TYR B 95 3.21 -13.43 30.28
C TYR B 95 2.04 -13.86 31.12
N ASP B 96 2.13 -13.87 32.45
CA ASP B 96 1.09 -14.52 33.15
C ASP B 96 -0.30 -13.82 33.04
N ASN B 97 -0.35 -12.49 33.06
CA ASN B 97 -1.64 -11.77 32.95
C ASN B 97 -2.27 -12.15 31.54
N TYR B 98 -1.42 -12.17 30.52
CA TYR B 98 -1.93 -12.45 29.17
C TYR B 98 -2.40 -13.91 29.01
N CYS B 99 -1.63 -14.87 29.52
CA CYS B 99 -2.04 -16.25 29.46
C CYS B 99 -3.32 -16.57 30.22
N ARG B 100 -3.42 -15.94 31.41
CA ARG B 100 -4.71 -15.97 32.10
C ARG B 100 -5.91 -15.48 31.26
N PHE B 101 -5.72 -14.35 30.57
CA PHE B 101 -6.75 -13.85 29.70
C PHE B 101 -7.06 -14.78 28.55
N LEU B 102 -6.02 -15.34 27.92
CA LEU B 102 -6.37 -16.36 26.93
C LEU B 102 -7.10 -17.53 27.48
N ALA B 103 -6.73 -18.03 28.67
CA ALA B 103 -7.48 -19.10 29.25
C ALA B 103 -8.95 -18.77 29.56
N LYS B 104 -9.16 -17.55 30.06
CA LYS B 104 -10.51 -17.13 30.44
C LYS B 104 -11.38 -17.01 29.16
N GLU B 105 -10.81 -16.40 28.12
CA GLU B 105 -11.60 -16.19 26.92
C GLU B 105 -11.80 -17.41 26.00
N SER B 106 -10.81 -18.35 25.97
CA SER B 106 -10.93 -19.51 25.15
C SER B 106 -11.68 -20.65 25.82
N GLY B 107 -11.57 -20.70 27.17
CA GLY B 107 -12.18 -21.90 27.78
C GLY B 107 -11.43 -23.18 27.63
N VAL B 108 -10.19 -23.12 27.17
CA VAL B 108 -9.39 -24.36 26.99
C VAL B 108 -8.17 -24.27 27.86
N LYS B 109 -7.42 -25.39 28.05
CA LYS B 109 -6.16 -25.33 28.81
C LYS B 109 -5.15 -24.51 27.97
N ILE B 110 -4.49 -23.61 28.62
CA ILE B 110 -3.34 -22.92 27.99
C ILE B 110 -2.08 -23.36 28.77
N ILE B 111 -1.06 -23.82 28.06
CA ILE B 111 0.16 -24.27 28.73
C ILE B 111 1.27 -23.39 28.21
N SER B 112 1.74 -22.48 29.06
CA SER B 112 2.76 -21.52 28.66
C SER B 112 4.12 -22.12 28.91
N ILE B 113 4.93 -22.26 27.85
CA ILE B 113 6.21 -22.97 27.95
C ILE B 113 7.41 -22.07 27.88
N GLU B 114 8.30 -22.22 28.85
CA GLU B 114 9.54 -21.45 28.87
C GLU B 114 10.67 -22.10 28.10
N TYR B 115 10.76 -21.79 26.80
CA TYR B 115 11.92 -22.26 26.01
C TYR B 115 13.16 -21.49 26.29
N ARG B 116 14.30 -22.03 25.87
CA ARG B 116 15.64 -21.44 26.22
C ARG B 116 15.87 -20.20 25.34
N LEU B 117 16.53 -19.20 25.92
CA LEU B 117 16.65 -17.90 25.31
C LEU B 117 18.08 -17.63 24.86
N ALA B 118 18.17 -16.78 23.81
CA ALA B 118 19.43 -16.39 23.19
C ALA B 118 19.92 -15.11 23.87
N PRO B 119 21.26 -14.85 23.77
CA PRO B 119 22.29 -15.59 23.02
C PRO B 119 22.91 -16.73 23.80
N GLU B 120 22.48 -16.91 25.06
CA GLU B 120 23.07 -18.00 25.80
C GLU B 120 22.76 -19.32 25.13
N HIS B 121 21.58 -19.38 24.50
CA HIS B 121 21.11 -20.57 23.83
C HIS B 121 20.65 -20.10 22.42
N LYS B 122 21.48 -20.38 21.45
CA LYS B 122 21.19 -19.93 20.09
C LYS B 122 20.35 -20.95 19.34
N PHE B 123 19.82 -20.51 18.19
CA PHE B 123 19.16 -21.46 17.29
C PHE B 123 20.06 -22.62 17.05
N PRO B 124 19.54 -23.86 17.14
CA PRO B 124 18.13 -24.25 17.15
C PRO B 124 17.57 -24.57 18.55
N ASP B 125 18.17 -24.06 19.65
CA ASP B 125 17.68 -24.51 20.95
C ASP B 125 16.16 -24.18 21.19
N ALA B 126 15.74 -22.91 20.97
CA ALA B 126 14.29 -22.61 21.30
C ALA B 126 13.43 -23.42 20.37
N PHE B 127 13.86 -23.49 19.11
CA PHE B 127 13.05 -24.26 18.17
C PHE B 127 12.90 -25.73 18.64
N ASN B 128 14.02 -26.38 18.99
CA ASN B 128 13.97 -27.74 19.48
C ASN B 128 13.14 -27.83 20.77
N ASP B 129 13.20 -26.78 21.61
CA ASP B 129 12.38 -26.76 22.79
C ASP B 129 10.88 -26.76 22.44
N ALA B 130 10.50 -25.95 21.48
CA ALA B 130 9.11 -25.87 21.01
C ALA B 130 8.64 -27.21 20.40
N TYR B 131 9.44 -27.76 19.46
CA TYR B 131 9.06 -29.01 18.84
C TYR B 131 9.06 -30.17 19.79
N ASP B 132 10.11 -30.24 20.60
CA ASP B 132 10.18 -31.33 21.59
C ASP B 132 9.12 -31.20 22.66
N SER B 133 8.76 -29.96 23.11
CA SER B 133 7.75 -29.88 24.16
C SER B 133 6.38 -30.30 23.63
N PHE B 134 6.07 -29.96 22.32
CA PHE B 134 4.82 -30.36 21.75
C PHE B 134 4.74 -31.90 21.77
N HIS B 135 5.82 -32.51 21.29
CA HIS B 135 5.74 -33.99 21.24
C HIS B 135 5.73 -34.59 22.60
N TYR B 136 6.44 -34.00 23.55
CA TYR B 136 6.41 -34.53 24.95
C TYR B 136 5.00 -34.48 25.54
N ILE B 137 4.36 -33.31 25.45
CA ILE B 137 3.02 -33.20 25.98
C ILE B 137 2.03 -34.03 25.23
N ALA B 138 2.15 -34.14 23.93
CA ALA B 138 1.24 -34.97 23.15
C ALA B 138 1.38 -36.47 23.58
N LYS B 139 2.61 -36.93 23.81
CA LYS B 139 2.75 -38.33 24.26
C LYS B 139 2.21 -38.52 25.61
N LYS B 140 2.42 -37.56 26.51
CA LYS B 140 2.06 -37.71 27.90
C LYS B 140 0.75 -36.98 28.23
N LYS B 141 -0.15 -36.88 27.26
CA LYS B 141 -1.31 -35.99 27.44
C LYS B 141 -2.13 -36.33 28.68
N LYS B 142 -2.24 -37.62 28.95
CA LYS B 142 -3.04 -38.01 30.10
C LYS B 142 -2.44 -37.42 31.42
N ASP B 143 -1.12 -37.22 31.48
CA ASP B 143 -0.49 -36.65 32.70
C ASP B 143 -0.83 -35.19 32.97
N PHE B 144 -1.16 -34.47 31.89
CA PHE B 144 -1.62 -33.10 31.99
C PHE B 144 -3.14 -32.98 31.98
N GLY B 145 -3.84 -34.12 32.04
CA GLY B 145 -5.33 -34.10 32.04
C GLY B 145 -5.95 -33.67 30.72
N ILE B 146 -5.23 -33.92 29.65
CA ILE B 146 -5.69 -33.59 28.33
C ILE B 146 -6.26 -34.84 27.73
N GLU B 147 -7.57 -34.85 27.53
CA GLU B 147 -8.28 -35.93 26.85
C GLU B 147 -8.53 -35.65 25.40
N GLY B 148 -8.53 -34.36 25.00
CA GLY B 148 -8.86 -34.03 23.61
C GLY B 148 -7.60 -33.66 22.83
N ARG B 149 -7.72 -32.56 22.08
CA ARG B 149 -6.70 -32.21 21.06
C ARG B 149 -5.77 -31.17 21.58
N ILE B 150 -4.59 -31.06 20.94
CA ILE B 150 -3.54 -30.07 21.31
C ILE B 150 -3.18 -29.26 20.12
N GLY B 151 -3.27 -27.92 20.28
CA GLY B 151 -2.76 -26.95 19.24
C GLY B 151 -1.58 -26.21 19.81
N VAL B 152 -1.03 -25.38 18.94
CA VAL B 152 0.14 -24.56 19.36
C VAL B 152 -0.12 -23.14 18.99
N ALA B 153 0.53 -22.23 19.75
CA ALA B 153 0.25 -20.80 19.54
C ALA B 153 1.42 -19.99 20.03
N GLY B 154 1.50 -18.76 19.59
CA GLY B 154 2.55 -17.85 20.21
C GLY B 154 2.39 -16.43 19.63
N ASP B 155 3.19 -15.54 20.16
CA ASP B 155 3.29 -14.19 19.60
C ASP B 155 4.68 -13.86 19.31
N SER B 156 4.85 -13.07 18.23
CA SER B 156 6.12 -12.60 17.85
C SER B 156 7.12 -13.77 17.69
N ALA B 157 8.29 -13.72 18.35
CA ALA B 157 9.27 -14.83 18.22
C ALA B 157 8.61 -16.20 18.59
N GLY B 158 7.64 -16.25 19.53
CA GLY B 158 7.02 -17.46 19.96
C GLY B 158 6.12 -18.03 18.83
N ALA B 159 5.50 -17.09 18.10
CA ALA B 159 4.67 -17.53 16.91
C ALA B 159 5.60 -18.04 15.81
N ASN B 160 6.82 -17.53 15.73
CA ASN B 160 7.80 -18.15 14.77
C ASN B 160 7.99 -19.61 15.17
N LEU B 161 8.19 -19.86 16.49
CA LEU B 161 8.44 -21.24 16.95
C LEU B 161 7.23 -22.18 16.64
N ALA B 162 5.99 -21.63 16.83
CA ALA B 162 4.80 -22.36 16.60
C ALA B 162 4.71 -22.73 15.07
N ALA B 163 5.00 -21.75 14.22
CA ALA B 163 4.86 -22.00 12.76
C ALA B 163 5.97 -22.99 12.42
N ALA B 164 7.19 -22.82 12.90
CA ALA B 164 8.33 -23.68 12.51
C ALA B 164 8.18 -25.10 12.98
N LEU B 165 7.64 -25.30 14.19
CA LEU B 165 7.56 -26.67 14.69
C LEU B 165 6.54 -27.40 13.81
N CYS B 166 5.49 -26.73 13.30
CA CYS B 166 4.49 -27.39 12.43
C CYS B 166 5.17 -27.85 11.17
N LEU B 167 6.04 -27.03 10.63
CA LEU B 167 6.76 -27.43 9.39
C LEU B 167 7.59 -28.68 9.66
N LYS B 168 8.25 -28.75 10.81
CA LYS B 168 9.08 -29.97 11.06
C LYS B 168 8.20 -31.21 11.31
N CYS B 169 7.06 -31.08 11.99
CA CYS B 169 6.08 -32.20 12.14
C CYS B 169 5.68 -32.65 10.75
N ARG B 170 5.50 -31.71 9.85
CA ARG B 170 5.00 -32.10 8.49
C ARG B 170 6.12 -32.84 7.81
N ASP B 171 7.32 -32.29 7.89
CA ASP B 171 8.48 -32.91 7.19
C ASP B 171 8.75 -34.30 7.70
N GLY B 172 8.64 -34.52 9.00
CA GLY B 172 8.96 -35.82 9.58
C GLY B 172 7.83 -36.82 9.59
N LYS B 173 6.65 -36.45 9.10
CA LYS B 173 5.39 -37.18 9.18
C LYS B 173 5.02 -37.65 10.57
N THR B 174 5.13 -36.72 11.55
CA THR B 174 4.82 -37.06 12.86
C THR B 174 3.46 -36.47 13.18
N GLU B 175 3.03 -36.75 14.39
CA GLU B 175 1.82 -36.13 14.95
C GLU B 175 1.89 -34.62 14.72
N MET B 176 0.80 -34.03 14.28
CA MET B 176 0.87 -32.61 13.96
C MET B 176 -0.10 -31.93 15.00
N PRO B 177 0.23 -30.68 15.43
CA PRO B 177 -0.77 -29.92 16.21
C PRO B 177 -2.10 -29.72 15.50
N ALA B 178 -3.19 -29.52 16.29
CA ALA B 178 -4.52 -29.40 15.75
C ALA B 178 -4.75 -28.05 15.03
N VAL B 179 -3.99 -27.03 15.49
CA VAL B 179 -4.15 -25.67 14.97
C VAL B 179 -2.85 -24.94 15.30
N GLN B 180 -2.52 -23.94 14.48
CA GLN B 180 -1.41 -23.04 14.78
C GLN B 180 -1.99 -21.67 14.86
N VAL B 181 -1.85 -21.04 16.03
CA VAL B 181 -2.50 -19.71 16.25
C VAL B 181 -1.31 -18.73 16.34
N LEU B 182 -1.20 -17.87 15.29
CA LEU B 182 0.06 -17.13 15.13
C LEU B 182 -0.24 -15.65 15.27
N PHE B 183 0.18 -15.07 16.43
CA PHE B 183 0.06 -13.62 16.51
C PHE B 183 1.36 -13.01 16.09
N TYR B 184 1.26 -12.33 14.91
CA TYR B 184 2.39 -11.57 14.35
C TYR B 184 3.79 -12.23 14.54
N PRO B 185 4.01 -13.44 13.91
CA PRO B 185 5.31 -14.07 14.04
C PRO B 185 6.45 -13.33 13.22
N SER B 186 7.69 -13.49 13.64
CA SER B 186 8.85 -13.19 12.79
C SER B 186 8.90 -14.43 11.82
N LEU B 187 9.05 -14.28 10.54
CA LEU B 187 9.05 -15.45 9.71
C LEU B 187 10.19 -15.50 8.66
N ALA B 188 10.69 -14.33 8.32
CA ALA B 188 11.55 -14.19 7.11
C ALA B 188 12.78 -13.35 7.45
N PRO B 189 13.81 -13.49 6.55
CA PRO B 189 14.98 -12.68 6.73
C PRO B 189 14.72 -11.30 6.16
N ASP B 190 14.09 -10.41 6.90
CA ASP B 190 13.56 -9.11 6.20
C ASP B 190 14.14 -7.81 6.68
N ASN B 191 14.94 -7.12 5.86
CA ASN B 191 15.31 -5.74 6.14
C ASN B 191 14.98 -4.84 4.93
N PHE B 192 13.93 -5.22 4.24
CA PHE B 192 13.70 -4.49 2.97
C PHE B 192 12.26 -4.43 2.53
N SER B 193 11.28 -5.20 3.09
CA SER B 193 9.87 -5.09 2.65
C SER B 193 9.32 -3.67 3.00
N ARG B 194 8.21 -3.32 2.39
CA ARG B 194 7.69 -1.99 2.59
C ARG B 194 7.18 -1.82 4.03
N SER B 195 6.56 -2.87 4.61
CA SER B 195 6.16 -2.60 6.02
C SER B 195 7.43 -2.45 6.85
N PHE B 196 8.49 -3.24 6.55
CA PHE B 196 9.71 -3.08 7.34
C PHE B 196 10.31 -1.67 7.33
N ILE B 197 10.42 -1.11 6.12
CA ILE B 197 11.03 0.19 6.02
C ILE B 197 10.09 1.29 6.49
N GLU B 198 8.81 1.14 6.23
CA GLU B 198 7.94 2.27 6.65
C GLU B 198 7.73 2.35 8.12
N TYR B 199 7.76 1.18 8.77
CA TYR B 199 7.39 1.13 10.21
C TYR B 199 8.57 0.77 11.12
N SER B 200 9.79 0.90 10.64
CA SER B 200 10.88 0.39 11.46
C SER B 200 11.61 1.40 12.32
N ASP B 201 11.04 2.56 12.48
CA ASP B 201 11.69 3.27 13.56
C ASP B 201 10.78 3.91 14.52
N ASN B 202 9.52 4.06 14.17
CA ASN B 202 8.64 4.76 15.10
C ASN B 202 8.66 4.15 16.50
N TYR B 203 9.89 3.83 16.95
CA TYR B 203 10.26 3.41 18.35
C TYR B 203 9.94 2.02 18.95
N VAL B 204 8.76 1.39 18.72
CA VAL B 204 8.42 0.20 19.54
C VAL B 204 9.16 -1.03 19.05
N LEU B 205 8.95 -1.50 17.84
CA LEU B 205 9.90 -2.51 17.35
C LEU B 205 10.63 -1.88 16.22
N THR B 206 11.92 -1.56 16.38
CA THR B 206 12.63 -0.88 15.37
C THR B 206 13.41 -1.84 14.47
N GLY B 207 13.86 -1.33 13.34
CA GLY B 207 14.77 -2.08 12.43
C GLY B 207 16.07 -2.55 13.08
N LYS B 208 16.68 -1.65 13.83
CA LYS B 208 17.91 -1.94 14.57
C LYS B 208 17.68 -3.03 15.59
N MET B 209 16.55 -2.97 16.29
CA MET B 209 16.29 -4.06 17.27
C MET B 209 16.01 -5.40 16.60
N ILE B 210 15.26 -5.38 15.47
CA ILE B 210 14.99 -6.63 14.77
C ILE B 210 16.34 -7.28 14.42
N ARG B 211 17.27 -6.46 13.95
CA ARG B 211 18.63 -7.01 13.64
C ARG B 211 19.36 -7.54 14.84
N TYR B 212 19.26 -6.82 15.96
CA TYR B 212 19.93 -7.17 17.19
C TYR B 212 19.37 -8.53 17.63
N PHE B 213 18.05 -8.69 17.65
CA PHE B 213 17.48 -10.00 18.03
C PHE B 213 17.91 -11.11 17.08
N GLY B 214 17.91 -10.85 15.78
CA GLY B 214 18.24 -11.93 14.85
C GLY B 214 19.67 -12.29 15.02
N ASN B 215 20.55 -11.31 15.24
CA ASN B 215 21.95 -11.66 15.42
C ASN B 215 22.15 -12.41 16.75
N MET B 216 21.38 -12.09 17.81
CA MET B 216 21.55 -12.83 19.04
C MET B 216 21.07 -14.28 18.93
N TYR B 217 20.04 -14.51 18.13
CA TYR B 217 19.45 -15.86 18.03
C TYR B 217 20.24 -16.76 17.05
N SER B 218 20.68 -16.19 15.95
CA SER B 218 21.35 -17.03 14.94
C SER B 218 22.74 -17.35 15.46
N LYS B 219 23.22 -18.53 15.12
CA LYS B 219 24.66 -18.84 15.33
C LYS B 219 25.54 -18.12 14.30
N ASN B 220 25.09 -18.09 13.05
CA ASN B 220 25.67 -17.18 12.06
C ASN B 220 24.54 -16.56 11.23
N ILE B 225 17.86 -19.99 5.41
CA ILE B 225 18.07 -21.21 4.62
C ILE B 225 17.52 -22.43 5.33
N ASN B 226 17.46 -22.27 6.67
CA ASN B 226 16.83 -23.16 7.46
C ASN B 226 15.38 -22.66 7.62
N PRO B 227 14.50 -23.43 7.03
CA PRO B 227 13.07 -23.16 7.20
C PRO B 227 12.65 -23.22 8.64
N TYR B 228 13.40 -23.89 9.51
CA TYR B 228 12.97 -23.92 10.95
C TYR B 228 13.40 -22.69 11.69
N PHE B 229 14.26 -21.86 11.08
CA PHE B 229 14.58 -20.53 11.60
C PHE B 229 13.62 -19.53 10.95
N SER B 230 13.41 -19.65 9.62
CA SER B 230 12.56 -18.72 8.87
C SER B 230 11.59 -19.56 8.04
N PRO B 231 10.37 -19.81 8.45
CA PRO B 231 9.41 -20.66 7.75
C PRO B 231 9.15 -20.20 6.32
N LEU B 232 9.35 -18.91 6.02
CA LEU B 232 9.06 -18.46 4.67
C LEU B 232 10.07 -19.04 3.71
N VAL B 233 11.16 -19.64 4.18
CA VAL B 233 12.11 -20.27 3.20
C VAL B 233 11.71 -21.69 2.83
N ALA B 234 10.67 -22.28 3.45
CA ALA B 234 10.15 -23.65 3.11
C ALA B 234 9.78 -23.65 1.64
N ASP B 235 9.94 -24.79 1.03
CA ASP B 235 9.54 -24.81 -0.38
C ASP B 235 8.14 -25.41 -0.58
N ASP B 236 7.47 -25.83 0.50
CA ASP B 236 6.22 -26.54 0.41
C ASP B 236 5.43 -26.22 1.70
N PHE B 237 4.20 -25.71 1.53
CA PHE B 237 3.31 -25.49 2.68
C PHE B 237 2.16 -26.47 2.81
N SER B 238 2.16 -27.57 2.03
CA SER B 238 1.14 -28.58 2.14
C SER B 238 1.05 -29.26 3.45
N ASN B 239 -0.16 -29.64 3.84
CA ASN B 239 -0.37 -30.55 4.89
C ASN B 239 0.09 -30.00 6.24
N LEU B 240 0.08 -28.68 6.31
CA LEU B 240 0.26 -28.01 7.66
C LEU B 240 -1.09 -27.89 8.39
N PRO B 241 -1.05 -27.74 9.72
CA PRO B 241 -2.27 -27.53 10.49
C PRO B 241 -3.04 -26.25 10.14
N PRO B 242 -4.36 -26.28 10.31
CA PRO B 242 -5.21 -25.08 10.09
C PRO B 242 -4.54 -23.91 10.88
N ALA B 243 -4.59 -22.72 10.30
CA ALA B 243 -3.88 -21.60 10.90
C ALA B 243 -4.88 -20.44 11.18
N ILE B 244 -4.54 -19.72 12.27
CA ILE B 244 -5.12 -18.36 12.49
C ILE B 244 -3.90 -17.43 12.53
N MET B 245 -3.92 -16.37 11.69
CA MET B 245 -2.80 -15.43 11.58
C MET B 245 -3.35 -14.05 11.92
N VAL B 246 -2.67 -13.40 12.89
CA VAL B 246 -3.06 -11.99 13.20
C VAL B 246 -1.84 -11.15 12.90
N THR B 247 -2.04 -10.14 12.07
CA THR B 247 -0.97 -9.15 11.81
C THR B 247 -1.49 -7.78 12.26
N ASN B 248 -0.52 -6.88 12.36
CA ASN B 248 -0.86 -5.50 12.82
C ASN B 248 -0.57 -4.53 11.68
N GLU B 249 -1.49 -3.59 11.49
CA GLU B 249 -1.24 -2.57 10.40
C GLU B 249 0.10 -1.88 10.45
N TYR B 250 0.51 -1.43 11.64
CA TYR B 250 1.71 -0.57 11.69
C TYR B 250 2.87 -1.29 12.35
N ASP B 251 3.36 -2.28 11.67
CA ASP B 251 4.35 -3.20 12.34
C ASP B 251 5.31 -3.60 11.23
N PRO B 252 6.62 -3.45 11.44
CA PRO B 252 7.59 -3.87 10.39
C PRO B 252 7.46 -5.32 9.93
N LEU B 253 6.99 -6.22 10.82
CA LEU B 253 6.87 -7.64 10.51
C LEU B 253 5.64 -8.03 9.69
N ARG B 254 4.73 -7.09 9.38
CA ARG B 254 3.43 -7.37 8.84
C ARG B 254 3.50 -8.02 7.43
N ASP B 255 4.24 -7.40 6.52
CA ASP B 255 4.08 -7.92 5.10
C ASP B 255 4.47 -9.43 4.93
N PRO B 256 5.60 -9.86 5.52
CA PRO B 256 5.86 -11.32 5.41
C PRO B 256 4.79 -12.20 6.03
N GLU B 257 4.13 -11.72 7.11
CA GLU B 257 3.07 -12.52 7.67
C GLU B 257 1.90 -12.69 6.76
N GLU B 258 1.53 -11.60 6.06
CA GLU B 258 0.36 -11.60 5.20
C GLU B 258 0.73 -12.47 3.97
N THR B 259 2.00 -12.48 3.62
CA THR B 259 2.42 -13.44 2.52
C THR B 259 2.30 -14.88 3.00
N TYR B 260 2.66 -15.14 4.28
CA TYR B 260 2.56 -16.48 4.77
C TYR B 260 1.16 -17.04 4.75
N VAL B 261 0.14 -16.28 5.20
CA VAL B 261 -1.25 -16.71 5.08
C VAL B 261 -1.64 -17.13 3.65
N LYS B 262 -1.23 -16.28 2.72
CA LYS B 262 -1.53 -16.52 1.30
C LYS B 262 -0.86 -17.77 0.81
N LYS B 263 0.38 -17.99 1.22
CA LYS B 263 1.06 -19.27 0.83
C LYS B 263 0.38 -20.47 1.38
N LEU B 264 -0.07 -20.42 2.65
CA LEU B 264 -0.80 -21.48 3.25
C LEU B 264 -2.06 -21.81 2.41
N ARG B 265 -2.85 -20.78 2.07
CA ARG B 265 -4.13 -20.99 1.31
C ARG B 265 -3.80 -21.51 -0.11
N GLU B 266 -2.75 -20.99 -0.71
CA GLU B 266 -2.29 -21.56 -2.05
C GLU B 266 -2.00 -23.04 -1.98
N ALA B 267 -1.52 -23.58 -0.85
CA ALA B 267 -1.23 -25.05 -0.65
C ALA B 267 -2.39 -25.86 -0.14
N GLY B 268 -3.56 -25.19 0.01
CA GLY B 268 -4.75 -25.76 0.47
C GLY B 268 -4.93 -26.07 1.94
N VAL B 269 -4.16 -25.31 2.77
CA VAL B 269 -4.27 -25.44 4.23
C VAL B 269 -5.35 -24.42 4.67
N ARG B 270 -6.22 -24.84 5.57
CA ARG B 270 -7.28 -23.93 6.14
C ARG B 270 -6.54 -22.79 6.85
N ALA B 271 -6.91 -21.54 6.54
CA ALA B 271 -6.19 -20.44 7.25
C ALA B 271 -7.12 -19.27 7.21
N VAL B 272 -7.17 -18.53 8.32
CA VAL B 272 -7.83 -17.22 8.38
C VAL B 272 -6.81 -16.23 8.80
N GLY B 273 -6.76 -15.10 8.09
CA GLY B 273 -5.80 -14.08 8.43
C GLY B 273 -6.53 -12.76 8.64
N ILE B 274 -6.19 -12.06 9.77
CA ILE B 274 -6.79 -10.71 9.99
C ILE B 274 -5.70 -9.73 10.29
N ARG B 275 -5.76 -8.51 9.70
CA ARG B 275 -4.87 -7.40 10.05
C ARG B 275 -5.61 -6.44 10.94
N GLY B 276 -4.99 -6.19 12.11
CA GLY B 276 -5.69 -5.23 13.04
C GLY B 276 -5.42 -3.81 12.61
N ILE B 277 -6.52 -3.10 12.32
CA ILE B 277 -6.39 -1.71 11.79
C ILE B 277 -5.94 -0.82 12.97
N GLY B 278 -4.90 -0.06 12.71
CA GLY B 278 -4.34 0.82 13.77
C GLY B 278 -3.48 0.13 14.78
N MET B 279 -3.25 -1.18 14.69
CA MET B 279 -2.47 -1.85 15.72
C MET B 279 -0.95 -1.84 15.44
N ILE B 280 -0.13 -2.03 16.51
CA ILE B 280 1.32 -2.03 16.41
C ILE B 280 1.86 -3.40 16.91
N HIS B 281 3.15 -3.67 16.72
CA HIS B 281 3.73 -4.93 17.21
C HIS B 281 3.55 -5.02 18.72
N GLY B 282 3.15 -6.18 19.21
CA GLY B 282 2.97 -6.34 20.65
C GLY B 282 1.53 -6.10 21.01
N SER B 283 0.63 -5.86 20.02
CA SER B 283 -0.77 -5.46 20.33
C SER B 283 -1.46 -6.49 21.25
N ALA B 284 -1.26 -7.80 21.06
CA ALA B 284 -1.98 -8.78 21.85
C ALA B 284 -1.58 -8.70 23.33
N THR B 285 -0.31 -8.55 23.60
CA THR B 285 0.14 -8.50 24.99
C THR B 285 -0.19 -7.12 25.50
N ASP B 286 -0.58 -6.18 24.63
CA ASP B 286 -1.09 -4.85 25.10
C ASP B 286 -2.58 -4.83 25.40
N PHE B 287 -3.22 -5.98 25.60
CA PHE B 287 -4.63 -6.06 25.76
C PHE B 287 -5.20 -5.25 26.97
N GLU B 288 -4.31 -4.90 27.87
CA GLU B 288 -4.84 -4.13 29.03
C GLU B 288 -4.83 -2.65 28.71
N VAL B 289 -4.23 -2.22 27.63
CA VAL B 289 -4.17 -0.78 27.41
C VAL B 289 -4.88 -0.34 26.18
N SER B 290 -5.17 -1.29 25.28
CA SER B 290 -5.97 -0.98 24.08
C SER B 290 -7.18 -1.89 23.94
N ASP B 291 -8.40 -1.31 23.93
CA ASP B 291 -9.59 -2.06 23.86
C ASP B 291 -9.64 -2.74 22.46
N GLY B 292 -9.21 -2.02 21.44
CA GLY B 292 -9.18 -2.67 20.09
C GLY B 292 -8.33 -3.94 20.15
N ALA B 293 -7.12 -3.85 20.71
CA ALA B 293 -6.24 -5.05 20.81
C ALA B 293 -6.93 -6.13 21.64
N ARG B 294 -7.49 -5.75 22.81
CA ARG B 294 -8.27 -6.70 23.60
C ARG B 294 -9.35 -7.42 22.81
N ASN B 295 -10.13 -6.73 22.00
CA ASN B 295 -11.19 -7.33 21.21
C ASN B 295 -10.57 -8.30 20.14
N ILE B 296 -9.45 -7.96 19.54
CA ILE B 296 -8.80 -8.90 18.54
C ILE B 296 -8.38 -10.16 19.25
N VAL B 297 -7.75 -10.03 20.43
CA VAL B 297 -7.37 -11.24 21.17
C VAL B 297 -8.62 -12.04 21.57
N LYS B 298 -9.70 -11.40 22.08
CA LYS B 298 -10.95 -12.11 22.39
C LYS B 298 -11.55 -12.86 21.18
N MET B 299 -11.49 -12.19 19.98
CA MET B 299 -12.01 -12.75 18.71
C MET B 299 -11.26 -14.10 18.50
N VAL B 300 -9.98 -14.07 18.54
CA VAL B 300 -9.17 -15.27 18.28
C VAL B 300 -9.42 -16.33 19.34
N ALA B 301 -9.34 -15.89 20.62
CA ALA B 301 -9.43 -16.87 21.67
C ALA B 301 -10.77 -17.57 21.64
N ARG B 302 -11.86 -16.88 21.28
CA ARG B 302 -13.14 -17.46 21.23
C ARG B 302 -13.45 -18.39 20.10
N ILE B 303 -12.58 -18.43 19.07
CA ILE B 303 -12.77 -19.41 17.98
C ILE B 303 -11.78 -20.58 18.18
N ILE B 304 -10.74 -20.41 19.01
CA ILE B 304 -9.81 -21.53 19.26
C ILE B 304 -10.50 -22.88 19.64
N PRO B 305 -11.51 -22.86 20.52
CA PRO B 305 -12.08 -24.14 20.91
C PRO B 305 -12.68 -24.91 19.76
N ASP B 306 -13.10 -24.26 18.67
CA ASP B 306 -13.63 -24.97 17.47
C ASP B 306 -12.64 -25.90 16.77
N TYR B 307 -11.36 -25.60 16.94
CA TYR B 307 -10.31 -26.42 16.36
C TYR B 307 -9.90 -27.63 17.21
N LEU B 308 -10.43 -27.76 18.43
CA LEU B 308 -9.87 -28.71 19.40
C LEU B 308 -10.87 -29.86 19.77
N ASN C 5 -1.86 -10.53 -7.14
CA ASN C 5 -3.27 -10.82 -6.78
C ASN C 5 -3.30 -12.18 -6.06
N MET C 6 -3.46 -12.17 -4.73
CA MET C 6 -3.57 -13.43 -3.91
C MET C 6 -4.94 -13.68 -3.20
N VAL C 7 -6.02 -13.50 -3.94
CA VAL C 7 -7.35 -13.69 -3.37
C VAL C 7 -7.52 -15.13 -2.91
N ASP C 8 -8.21 -15.36 -1.77
CA ASP C 8 -8.43 -16.71 -1.22
C ASP C 8 -9.06 -17.66 -2.33
N PRO C 9 -8.42 -18.81 -2.59
CA PRO C 9 -8.93 -19.69 -3.69
C PRO C 9 -10.35 -20.14 -3.50
N ASP C 10 -10.94 -20.07 -2.30
CA ASP C 10 -12.31 -20.48 -2.13
C ASP C 10 -13.21 -19.56 -2.94
N PHE C 11 -12.76 -18.39 -3.33
CA PHE C 11 -13.60 -17.44 -4.08
C PHE C 11 -13.56 -17.64 -5.59
N ASN C 12 -12.76 -18.62 -6.04
CA ASN C 12 -12.45 -18.63 -7.50
C ASN C 12 -13.72 -18.87 -8.34
N SER C 13 -14.58 -19.76 -7.86
CA SER C 13 -15.82 -20.12 -8.59
C SER C 13 -16.74 -18.92 -8.65
N LEU C 14 -16.80 -18.19 -7.56
CA LEU C 14 -17.66 -17.10 -7.47
C LEU C 14 -17.23 -15.98 -8.37
N ILE C 15 -15.92 -15.78 -8.51
CA ILE C 15 -15.35 -14.76 -9.34
C ILE C 15 -15.66 -15.08 -10.81
N GLU C 16 -15.44 -16.35 -11.17
CA GLU C 16 -15.74 -16.84 -12.53
C GLU C 16 -17.24 -16.69 -12.86
N LEU C 17 -18.12 -17.36 -12.10
CA LEU C 17 -19.58 -17.12 -12.17
C LEU C 17 -19.87 -15.65 -12.48
N SER C 18 -19.25 -14.77 -11.70
CA SER C 18 -19.45 -13.35 -11.83
C SER C 18 -18.94 -12.76 -13.15
N LYS C 19 -17.79 -13.21 -13.63
CA LYS C 19 -17.30 -12.71 -14.92
C LYS C 19 -18.15 -13.25 -16.10
N SER C 20 -18.48 -14.54 -16.04
CA SER C 20 -19.28 -15.20 -17.08
C SER C 20 -20.78 -14.79 -17.09
N ALA C 21 -21.27 -14.12 -16.06
CA ALA C 21 -22.62 -13.55 -16.09
C ALA C 21 -22.72 -12.27 -16.97
N GLY C 22 -21.58 -11.81 -17.46
CA GLY C 22 -21.52 -10.70 -18.42
C GLY C 22 -21.62 -9.34 -17.77
N ASP C 23 -21.91 -8.33 -18.57
CA ASP C 23 -22.05 -6.96 -18.04
C ASP C 23 -23.45 -6.73 -17.43
N MET C 24 -23.52 -6.72 -16.10
CA MET C 24 -24.81 -6.65 -15.39
C MET C 24 -25.52 -5.29 -15.41
N THR C 25 -24.75 -4.22 -15.61
CA THR C 25 -25.30 -2.85 -15.74
C THR C 25 -26.21 -2.82 -16.93
N LYS C 26 -26.01 -3.79 -17.81
CA LYS C 26 -26.75 -3.95 -19.04
C LYS C 26 -28.25 -4.21 -18.81
N ILE C 27 -28.57 -5.06 -17.82
CA ILE C 27 -29.96 -5.50 -17.56
C ILE C 27 -30.78 -4.58 -16.61
N GLU C 28 -32.08 -4.52 -16.87
CA GLU C 28 -33.03 -3.65 -16.15
C GLU C 28 -33.11 -3.94 -14.63
N PRO C 29 -33.37 -2.89 -13.79
CA PRO C 29 -33.30 -3.04 -12.29
C PRO C 29 -34.02 -4.23 -11.63
N ALA C 30 -35.35 -4.33 -11.78
CA ALA C 30 -36.12 -5.47 -11.18
C ALA C 30 -35.66 -6.84 -11.67
N MET C 31 -35.36 -6.95 -12.96
CA MET C 31 -34.79 -8.19 -13.52
C MET C 31 -33.48 -8.62 -12.89
N LEU C 32 -32.56 -7.68 -12.73
CA LEU C 32 -31.27 -7.90 -12.08
C LEU C 32 -31.43 -8.33 -10.60
N ARG C 33 -32.34 -7.65 -9.90
CA ARG C 33 -32.66 -8.00 -8.50
C ARG C 33 -33.06 -9.44 -8.44
N ASN C 34 -34.01 -9.84 -9.29
CA ASN C 34 -34.47 -11.21 -9.21
C ASN C 34 -33.40 -12.26 -9.51
N PHE C 35 -32.57 -11.97 -10.50
CA PHE C 35 -31.51 -12.86 -10.89
C PHE C 35 -30.45 -12.96 -9.75
N LEU C 36 -30.17 -11.84 -9.10
CA LEU C 36 -29.14 -11.84 -8.01
C LEU C 36 -29.67 -12.56 -6.79
N ASP C 37 -30.93 -12.33 -6.46
CA ASP C 37 -31.55 -13.05 -5.36
C ASP C 37 -31.58 -14.53 -5.63
N GLU C 38 -31.94 -14.93 -6.86
CA GLU C 38 -32.09 -16.35 -7.15
C GLU C 38 -30.72 -17.01 -7.15
N SER C 39 -29.71 -16.29 -7.63
CA SER C 39 -28.31 -16.78 -7.56
C SER C 39 -27.91 -17.11 -6.12
N SER C 40 -28.28 -16.26 -5.15
CA SER C 40 -27.84 -16.55 -3.79
C SER C 40 -28.62 -17.71 -3.13
N LEU C 41 -29.92 -17.78 -3.43
CA LEU C 41 -30.77 -18.90 -2.99
C LEU C 41 -30.24 -20.30 -3.39
N SER C 42 -29.65 -20.37 -4.58
CA SER C 42 -28.98 -21.59 -5.09
C SER C 42 -27.72 -21.91 -4.32
N SER C 43 -26.85 -20.93 -4.10
CA SER C 43 -25.62 -21.20 -3.36
C SER C 43 -25.86 -21.80 -1.94
N ARG C 44 -27.11 -21.77 -1.44
CA ARG C 44 -27.48 -22.11 -0.05
C ARG C 44 -27.05 -23.48 0.48
N GLY C 45 -26.45 -23.47 1.67
CA GLY C 45 -26.17 -24.70 2.45
C GLY C 45 -27.32 -25.12 3.31
N ALA C 46 -27.10 -26.13 4.14
CA ALA C 46 -28.12 -26.51 5.10
C ALA C 46 -28.23 -25.46 6.22
N PRO C 47 -29.46 -24.94 6.44
CA PRO C 47 -29.71 -23.95 7.49
C PRO C 47 -29.37 -24.47 8.86
N VAL C 48 -28.66 -23.66 9.63
CA VAL C 48 -28.39 -23.90 11.00
C VAL C 48 -29.69 -23.88 11.82
N GLU C 49 -29.86 -24.83 12.74
CA GLU C 49 -31.08 -24.92 13.50
C GLU C 49 -31.08 -23.88 14.65
N ILE C 50 -32.18 -23.16 14.79
CA ILE C 50 -32.34 -22.14 15.84
C ILE C 50 -33.57 -22.44 16.69
N LYS C 51 -33.48 -22.23 17.99
CA LYS C 51 -34.60 -22.60 18.92
C LYS C 51 -35.92 -21.86 18.57
N GLU C 52 -35.85 -20.53 18.39
CA GLU C 52 -37.07 -19.69 18.16
C GLU C 52 -36.87 -18.77 16.94
N ILE C 53 -37.71 -18.91 15.94
CA ILE C 53 -37.77 -17.92 14.91
C ILE C 53 -39.19 -17.31 14.93
N LYS C 54 -39.30 -15.98 14.81
CA LYS C 54 -40.65 -15.32 14.83
C LYS C 54 -40.68 -14.22 13.79
N ASP C 55 -41.82 -14.09 13.13
CA ASP C 55 -42.01 -13.08 12.07
C ASP C 55 -42.81 -11.89 12.66
N TYR C 56 -42.38 -10.66 12.30
CA TYR C 56 -43.00 -9.42 12.74
C TYR C 56 -43.29 -8.50 11.57
N LYS C 57 -44.27 -7.58 11.82
CA LYS C 57 -44.61 -6.53 10.85
C LYS C 57 -44.23 -5.30 11.64
N ILE C 58 -43.30 -4.52 11.11
CA ILE C 58 -42.88 -3.29 11.69
C ILE C 58 -43.69 -2.12 11.03
N LYS C 59 -44.63 -1.59 11.83
CA LYS C 59 -45.66 -0.65 11.32
C LYS C 59 -45.23 0.79 11.51
N LEU C 60 -44.60 1.28 10.45
CA LEU C 60 -43.96 2.62 10.49
C LEU C 60 -44.96 3.58 9.75
N ASP C 61 -44.65 4.88 9.86
CA ASP C 61 -45.38 6.05 9.31
C ASP C 61 -45.31 5.89 7.82
N GLY C 62 -46.39 5.37 7.27
CA GLY C 62 -46.55 5.27 5.84
C GLY C 62 -46.03 4.06 5.10
N ARG C 63 -45.46 3.07 5.85
CA ARG C 63 -45.12 1.76 5.20
C ARG C 63 -44.85 0.74 6.30
N THR C 64 -44.97 -0.53 5.97
CA THR C 64 -44.79 -1.59 6.96
C THR C 64 -43.66 -2.46 6.42
N LEU C 65 -42.72 -2.76 7.30
CA LEU C 65 -41.57 -3.65 6.92
C LEU C 65 -41.76 -5.03 7.54
N ASN C 66 -41.36 -6.06 6.81
CA ASN C 66 -41.20 -7.39 7.44
C ASN C 66 -39.92 -7.41 8.24
N ALA C 67 -39.94 -8.13 9.35
CA ALA C 67 -38.76 -8.40 10.18
C ALA C 67 -38.80 -9.88 10.67
N ARG C 68 -37.66 -10.55 10.75
CA ARG C 68 -37.67 -11.89 11.31
C ARG C 68 -36.65 -11.95 12.42
N MET C 69 -37.06 -12.48 13.56
CA MET C 69 -36.20 -12.55 14.75
C MET C 69 -35.76 -13.98 14.90
N TYR C 70 -34.44 -14.13 15.13
CA TYR C 70 -33.78 -15.50 15.37
C TYR C 70 -33.20 -15.44 16.74
N ASP C 71 -33.53 -16.46 17.59
CA ASP C 71 -33.11 -16.48 18.92
C ASP C 71 -32.77 -17.93 19.28
N ASP C 72 -31.49 -18.25 19.38
CA ASP C 72 -31.11 -19.60 19.83
C ASP C 72 -30.87 -19.78 21.31
N ASN C 73 -31.10 -18.75 22.13
CA ASN C 73 -30.56 -18.70 23.48
C ASN C 73 -31.43 -17.91 24.47
N ASN C 74 -32.74 -17.84 24.19
CA ASN C 74 -33.67 -17.03 25.02
C ASN C 74 -33.05 -15.70 25.45
N ALA C 75 -32.45 -14.98 24.49
CA ALA C 75 -31.55 -13.88 24.80
C ALA C 75 -32.20 -12.61 25.34
N LYS C 76 -31.55 -11.94 26.28
CA LYS C 76 -32.03 -10.69 26.87
C LYS C 76 -31.90 -9.54 25.85
N SER C 77 -30.86 -9.62 24.99
CA SER C 77 -30.48 -8.48 24.07
C SER C 77 -30.54 -8.81 22.60
N ALA C 78 -30.46 -7.79 21.73
CA ALA C 78 -30.71 -8.04 20.36
C ALA C 78 -29.81 -7.18 19.47
N ILE C 79 -29.59 -7.70 18.26
CA ILE C 79 -28.98 -6.87 17.22
C ILE C 79 -29.97 -6.77 16.10
N LEU C 80 -30.25 -5.53 15.64
CA LEU C 80 -31.00 -5.33 14.46
C LEU C 80 -30.09 -5.40 13.24
N TYR C 81 -30.45 -6.24 12.31
CA TYR C 81 -29.58 -6.52 11.19
C TYR C 81 -30.20 -5.99 9.89
N TYR C 82 -29.39 -5.19 9.15
CA TYR C 82 -29.83 -4.69 7.85
C TYR C 82 -28.98 -5.36 6.78
N HIS C 83 -29.66 -6.09 5.93
CA HIS C 83 -29.02 -6.90 4.88
C HIS C 83 -28.34 -6.02 3.80
N GLY C 84 -27.33 -6.58 3.12
CA GLY C 84 -26.67 -5.90 2.00
C GLY C 84 -27.36 -6.18 0.67
N GLY C 85 -26.71 -5.81 -0.41
CA GLY C 85 -27.34 -5.99 -1.79
C GLY C 85 -27.35 -4.68 -2.51
N GLY C 86 -26.47 -3.74 -2.16
CA GLY C 86 -26.33 -2.53 -2.91
C GLY C 86 -27.50 -1.54 -2.94
N PHE C 87 -28.44 -1.76 -2.05
CA PHE C 87 -29.76 -1.05 -1.96
C PHE C 87 -30.73 -1.59 -3.02
N LEU C 88 -30.32 -2.57 -3.82
CA LEU C 88 -31.17 -2.98 -4.94
C LEU C 88 -31.76 -4.34 -4.60
N PHE C 89 -30.95 -5.24 -4.02
CA PHE C 89 -31.42 -6.61 -3.84
C PHE C 89 -31.15 -7.08 -2.45
N GLY C 90 -31.33 -8.37 -2.21
CA GLY C 90 -31.37 -8.93 -0.82
C GLY C 90 -32.74 -8.85 -0.16
N ASN C 91 -33.04 -9.80 0.72
CA ASN C 91 -34.28 -9.78 1.45
C ASN C 91 -34.11 -10.79 2.59
N ILE C 92 -35.13 -10.93 3.40
CA ILE C 92 -35.07 -11.88 4.55
C ILE C 92 -34.78 -13.34 4.06
N GLU C 93 -35.40 -13.73 2.96
CA GLU C 93 -35.19 -15.08 2.45
C GLU C 93 -33.74 -15.36 2.05
N THR C 94 -33.18 -14.47 1.26
CA THR C 94 -31.75 -14.67 0.85
C THR C 94 -30.74 -14.54 1.99
N TYR C 95 -31.09 -13.83 3.05
CA TYR C 95 -30.23 -13.65 4.25
C TYR C 95 -30.49 -14.66 5.36
N ASP C 96 -31.53 -15.53 5.18
CA ASP C 96 -31.95 -16.40 6.26
C ASP C 96 -30.83 -17.37 6.83
N ASN C 97 -30.11 -17.99 5.92
CA ASN C 97 -29.07 -18.93 6.38
C ASN C 97 -28.01 -18.08 7.16
N TYR C 98 -27.65 -16.93 6.60
CA TYR C 98 -26.60 -16.13 7.27
C TYR C 98 -27.07 -15.59 8.68
N CYS C 99 -28.31 -15.10 8.73
CA CYS C 99 -28.84 -14.65 10.00
C CYS C 99 -28.98 -15.77 11.04
N ARG C 100 -29.35 -17.00 10.59
CA ARG C 100 -29.32 -18.11 11.53
C ARG C 100 -27.91 -18.34 12.08
N PHE C 101 -26.90 -18.30 11.19
CA PHE C 101 -25.50 -18.44 11.59
C PHE C 101 -25.09 -17.39 12.62
N LEU C 102 -25.44 -16.08 12.32
CA LEU C 102 -25.21 -15.03 13.35
C LEU C 102 -25.88 -15.28 14.71
N ALA C 103 -27.15 -15.74 14.70
CA ALA C 103 -27.81 -16.00 15.96
C ALA C 103 -27.21 -17.16 16.74
N LYS C 104 -26.85 -18.20 16.01
CA LYS C 104 -26.19 -19.42 16.61
C LYS C 104 -24.86 -18.99 17.21
N GLU C 105 -24.09 -18.19 16.47
CA GLU C 105 -22.71 -17.91 16.93
C GLU C 105 -22.65 -16.85 18.00
N SER C 106 -23.56 -15.85 17.93
CA SER C 106 -23.57 -14.79 18.93
C SER C 106 -24.34 -15.11 20.23
N GLY C 107 -25.36 -15.96 20.10
CA GLY C 107 -26.25 -16.26 21.26
C GLY C 107 -27.18 -15.11 21.63
N VAL C 108 -27.32 -14.15 20.69
CA VAL C 108 -28.23 -13.02 21.01
C VAL C 108 -29.33 -13.06 19.97
N LYS C 109 -30.38 -12.25 20.22
CA LYS C 109 -31.43 -12.16 19.21
C LYS C 109 -30.92 -11.37 18.03
N ILE C 110 -31.26 -11.86 16.87
CA ILE C 110 -30.89 -11.18 15.56
C ILE C 110 -32.22 -10.83 14.92
N ILE C 111 -32.47 -9.53 14.63
CA ILE C 111 -33.73 -9.20 13.98
C ILE C 111 -33.40 -8.65 12.61
N SER C 112 -33.70 -9.41 11.58
CA SER C 112 -33.39 -9.04 10.20
C SER C 112 -34.53 -8.22 9.62
N ILE C 113 -34.23 -7.00 9.19
CA ILE C 113 -35.28 -6.04 8.83
C ILE C 113 -35.26 -5.87 7.30
N GLU C 114 -36.42 -6.03 6.64
CA GLU C 114 -36.52 -5.67 5.23
C GLU C 114 -36.82 -4.24 4.90
N TYR C 115 -35.80 -3.48 4.67
CA TYR C 115 -36.01 -2.05 4.26
C TYR C 115 -36.44 -1.91 2.80
N ARG C 116 -36.87 -0.72 2.41
CA ARG C 116 -37.31 -0.54 1.05
C ARG C 116 -36.16 -0.40 0.04
N LEU C 117 -36.29 -1.05 -1.11
CA LEU C 117 -35.18 -1.16 -2.10
C LEU C 117 -35.31 -0.15 -3.26
N ALA C 118 -34.17 0.43 -3.64
CA ALA C 118 -33.97 1.15 -4.91
C ALA C 118 -34.11 0.23 -6.15
N PRO C 119 -34.47 0.79 -7.33
CA PRO C 119 -34.73 2.18 -7.68
C PRO C 119 -36.14 2.65 -7.38
N GLU C 120 -37.00 1.69 -7.05
CA GLU C 120 -38.43 2.03 -6.72
C GLU C 120 -38.54 3.00 -5.56
N HIS C 121 -37.64 2.85 -4.59
CA HIS C 121 -37.56 3.68 -3.42
C HIS C 121 -36.12 4.17 -3.32
N LYS C 122 -35.90 5.47 -3.44
CA LYS C 122 -34.57 6.06 -3.43
C LYS C 122 -34.30 6.62 -2.04
N PHE C 123 -33.06 7.01 -1.79
CA PHE C 123 -32.68 7.77 -0.64
C PHE C 123 -33.69 8.93 -0.45
N PRO C 124 -34.20 9.16 0.76
CA PRO C 124 -33.81 8.54 2.00
C PRO C 124 -34.68 7.43 2.52
N ASP C 125 -35.37 6.71 1.63
CA ASP C 125 -36.36 5.72 2.05
C ASP C 125 -35.73 4.58 2.89
N ALA C 126 -34.67 3.94 2.37
CA ALA C 126 -34.04 2.87 3.19
C ALA C 126 -33.45 3.40 4.50
N PHE C 127 -32.80 4.55 4.42
CA PHE C 127 -32.25 5.17 5.55
C PHE C 127 -33.31 5.41 6.66
N ASN C 128 -34.46 5.99 6.25
CA ASN C 128 -35.46 6.28 7.25
C ASN C 128 -36.06 5.01 7.84
N ASP C 129 -36.12 3.98 6.98
CA ASP C 129 -36.50 2.62 7.41
C ASP C 129 -35.57 2.09 8.46
N ALA C 130 -34.26 2.22 8.24
CA ALA C 130 -33.33 1.76 9.30
C ALA C 130 -33.41 2.51 10.60
N TYR C 131 -33.39 3.84 10.53
CA TYR C 131 -33.45 4.67 11.74
C TYR C 131 -34.81 4.50 12.49
N ASP C 132 -35.91 4.57 11.73
CA ASP C 132 -37.27 4.39 12.35
C ASP C 132 -37.45 3.00 12.94
N SER C 133 -36.87 1.98 12.28
CA SER C 133 -37.05 0.64 12.85
C SER C 133 -36.24 0.42 14.08
N PHE C 134 -35.05 1.06 14.17
CA PHE C 134 -34.29 0.99 15.36
C PHE C 134 -35.11 1.59 16.51
N HIS C 135 -35.63 2.80 16.29
CA HIS C 135 -36.40 3.44 17.33
C HIS C 135 -37.72 2.77 17.70
N TYR C 136 -38.41 2.22 16.68
CA TYR C 136 -39.63 1.40 16.90
C TYR C 136 -39.32 0.26 17.82
N ILE C 137 -38.26 -0.50 17.50
CA ILE C 137 -38.01 -1.69 18.37
C ILE C 137 -37.51 -1.30 19.73
N ALA C 138 -36.68 -0.26 19.80
CA ALA C 138 -36.22 0.28 21.08
C ALA C 138 -37.43 0.71 21.96
N LYS C 139 -38.42 1.33 21.33
CA LYS C 139 -39.61 1.84 22.07
C LYS C 139 -40.52 0.70 22.49
N LYS C 140 -40.58 -0.32 21.65
CA LYS C 140 -41.43 -1.54 21.83
C LYS C 140 -40.67 -2.82 22.19
N LYS C 141 -39.58 -2.65 22.94
CA LYS C 141 -38.65 -3.77 23.18
C LYS C 141 -39.31 -4.95 23.89
N LYS C 142 -40.26 -4.71 24.80
CA LYS C 142 -40.99 -5.86 25.37
C LYS C 142 -41.78 -6.75 24.36
N ASP C 143 -42.17 -6.25 23.20
CA ASP C 143 -42.89 -7.04 22.17
C ASP C 143 -42.02 -8.09 21.54
N PHE C 144 -40.72 -7.84 21.62
CA PHE C 144 -39.72 -8.72 21.03
C PHE C 144 -39.06 -9.54 22.10
N GLY C 145 -39.55 -9.40 23.34
CA GLY C 145 -38.98 -10.05 24.52
C GLY C 145 -37.56 -9.59 24.86
N ILE C 146 -37.25 -8.36 24.49
CA ILE C 146 -35.94 -7.75 24.81
C ILE C 146 -35.92 -6.99 26.17
N GLU C 147 -35.10 -7.50 27.08
CA GLU C 147 -34.95 -6.94 28.41
C GLU C 147 -33.65 -6.23 28.61
N GLY C 148 -32.70 -6.44 27.71
CA GLY C 148 -31.43 -5.76 27.78
C GLY C 148 -31.22 -4.68 26.73
N ARG C 149 -30.12 -4.80 25.99
CA ARG C 149 -29.67 -3.72 25.15
C ARG C 149 -29.88 -4.10 23.68
N ILE C 150 -29.78 -3.07 22.81
CA ILE C 150 -30.05 -3.33 21.38
C ILE C 150 -28.93 -2.64 20.62
N GLY C 151 -28.33 -3.41 19.67
CA GLY C 151 -27.28 -2.77 18.79
C GLY C 151 -27.74 -2.89 17.37
N VAL C 152 -26.93 -2.36 16.44
CA VAL C 152 -27.29 -2.43 15.06
C VAL C 152 -26.11 -3.03 14.24
N ALA C 153 -26.49 -3.61 13.10
CA ALA C 153 -25.44 -4.26 12.25
C ALA C 153 -25.90 -4.37 10.84
N GLY C 154 -24.94 -4.59 9.96
CA GLY C 154 -25.25 -4.83 8.56
C GLY C 154 -24.05 -5.22 7.76
N ASP C 155 -24.27 -5.52 6.48
CA ASP C 155 -23.12 -5.74 5.57
C ASP C 155 -23.40 -4.92 4.34
N SER C 156 -22.28 -4.46 3.78
CA SER C 156 -22.38 -3.63 2.51
C SER C 156 -23.40 -2.46 2.67
N ALA C 157 -24.39 -2.36 1.77
CA ALA C 157 -25.41 -1.30 1.91
C ALA C 157 -26.05 -1.30 3.27
N GLY C 158 -26.30 -2.48 3.86
CA GLY C 158 -26.96 -2.52 5.16
C GLY C 158 -26.04 -1.99 6.24
N ALA C 159 -24.71 -2.18 6.11
CA ALA C 159 -23.87 -1.56 7.10
C ALA C 159 -23.72 -0.05 6.91
N ASN C 160 -23.90 0.45 5.67
CA ASN C 160 -24.05 1.91 5.46
C ASN C 160 -25.26 2.46 6.28
N LEU C 161 -26.37 1.72 6.24
CA LEU C 161 -27.59 2.15 6.99
C LEU C 161 -27.29 2.13 8.46
N ALA C 162 -26.61 1.07 8.96
CA ALA C 162 -26.27 1.04 10.34
C ALA C 162 -25.39 2.17 10.81
N ALA C 163 -24.36 2.47 10.04
CA ALA C 163 -23.48 3.56 10.44
C ALA C 163 -24.25 4.92 10.35
N ALA C 164 -24.98 5.08 9.25
CA ALA C 164 -25.73 6.37 9.07
C ALA C 164 -26.79 6.58 10.18
N LEU C 165 -27.53 5.52 10.53
CA LEU C 165 -28.57 5.77 11.58
C LEU C 165 -27.96 6.15 12.91
N CYS C 166 -26.78 5.59 13.20
CA CYS C 166 -26.07 5.99 14.40
C CYS C 166 -25.72 7.52 14.38
N LEU C 167 -25.30 8.04 13.23
CA LEU C 167 -25.03 9.50 13.06
C LEU C 167 -26.28 10.33 13.38
N LYS C 168 -27.41 9.89 12.87
CA LYS C 168 -28.70 10.62 13.10
C LYS C 168 -29.11 10.55 14.58
N CYS C 169 -29.00 9.36 15.23
CA CYS C 169 -29.24 9.24 16.69
C CYS C 169 -28.37 10.21 17.45
N ARG C 170 -27.05 10.21 17.18
CA ARG C 170 -26.14 11.12 17.83
C ARG C 170 -26.57 12.60 17.59
N ASP C 171 -26.86 12.97 16.37
CA ASP C 171 -27.18 14.40 15.98
C ASP C 171 -28.39 14.88 16.75
N GLY C 172 -29.35 13.98 16.95
CA GLY C 172 -30.65 14.31 17.51
C GLY C 172 -30.68 14.10 18.98
N LYS C 173 -29.57 13.56 19.54
CA LYS C 173 -29.42 13.26 20.96
C LYS C 173 -30.52 12.28 21.46
N THR C 174 -30.87 11.33 20.56
CA THR C 174 -31.84 10.28 20.83
C THR C 174 -31.17 9.07 21.52
N GLU C 175 -31.96 8.06 21.88
CA GLU C 175 -31.40 6.80 22.32
C GLU C 175 -30.46 6.31 21.22
N MET C 176 -29.36 5.73 21.69
CA MET C 176 -28.31 5.26 20.79
C MET C 176 -28.27 3.74 20.78
N PRO C 177 -27.99 3.15 19.61
CA PRO C 177 -27.65 1.72 19.68
C PRO C 177 -26.47 1.45 20.58
N ALA C 178 -26.40 0.21 21.13
CA ALA C 178 -25.31 -0.16 22.04
C ALA C 178 -23.95 -0.42 21.37
N VAL C 179 -24.08 -0.83 20.10
CA VAL C 179 -22.87 -1.14 19.30
C VAL C 179 -23.35 -1.04 17.83
N GLN C 180 -22.37 -0.78 16.96
CA GLN C 180 -22.63 -0.80 15.49
C GLN C 180 -21.60 -1.82 14.93
N VAL C 181 -22.14 -2.87 14.31
CA VAL C 181 -21.27 -3.95 13.69
C VAL C 181 -21.36 -3.82 12.17
N LEU C 182 -20.24 -3.39 11.56
CA LEU C 182 -20.24 -2.95 10.19
C LEU C 182 -19.40 -3.93 9.37
N PHE C 183 -20.06 -4.75 8.57
CA PHE C 183 -19.31 -5.60 7.63
C PHE C 183 -19.22 -4.82 6.35
N TYR C 184 -18.02 -4.34 6.05
CA TYR C 184 -17.75 -3.68 4.75
C TYR C 184 -18.83 -2.72 4.19
N PRO C 185 -19.13 -1.64 4.94
CA PRO C 185 -20.13 -0.69 4.46
C PRO C 185 -19.67 0.08 3.22
N SER C 186 -20.64 0.55 2.42
CA SER C 186 -20.33 1.64 1.51
C SER C 186 -20.37 2.92 2.35
N LEU C 187 -19.48 3.86 2.17
CA LEU C 187 -19.51 4.99 3.12
C LEU C 187 -19.34 6.34 2.43
N ALA C 188 -18.83 6.30 1.20
CA ALA C 188 -18.26 7.54 0.65
C ALA C 188 -18.54 7.58 -0.84
N PRO C 189 -18.53 8.83 -1.40
CA PRO C 189 -18.68 8.92 -2.84
C PRO C 189 -17.34 8.66 -3.49
N ASP C 190 -17.08 7.39 -3.76
CA ASP C 190 -15.67 7.00 -4.18
C ASP C 190 -15.48 6.35 -5.51
N ASN C 191 -14.84 7.10 -6.43
CA ASN C 191 -14.49 6.52 -7.69
C ASN C 191 -12.99 6.74 -7.95
N PHE C 192 -12.24 6.85 -6.87
CA PHE C 192 -10.84 7.34 -7.04
C PHE C 192 -9.81 6.83 -6.00
N SER C 193 -10.25 6.12 -4.94
CA SER C 193 -9.26 5.67 -3.98
C SER C 193 -8.40 4.59 -4.61
N ARG C 194 -7.27 4.25 -3.95
CA ARG C 194 -6.49 3.14 -4.54
C ARG C 194 -7.23 1.78 -4.54
N SER C 195 -7.86 1.46 -3.38
CA SER C 195 -8.59 0.23 -3.42
C SER C 195 -9.70 0.21 -4.50
N PHE C 196 -10.37 1.38 -4.66
CA PHE C 196 -11.37 1.42 -5.69
C PHE C 196 -10.79 1.15 -7.10
N ILE C 197 -9.67 1.82 -7.43
CA ILE C 197 -9.14 1.61 -8.84
C ILE C 197 -8.48 0.27 -9.02
N GLU C 198 -7.77 -0.23 -8.00
CA GLU C 198 -7.08 -1.52 -8.10
C GLU C 198 -7.94 -2.72 -8.11
N TYR C 199 -9.12 -2.67 -7.47
CA TYR C 199 -9.95 -3.83 -7.30
C TYR C 199 -11.32 -3.67 -7.94
N SER C 200 -11.42 -2.71 -8.86
CA SER C 200 -12.73 -2.48 -9.46
C SER C 200 -13.07 -3.39 -10.64
N ASP C 201 -12.30 -4.42 -10.94
CA ASP C 201 -12.80 -5.43 -11.90
C ASP C 201 -12.99 -6.92 -11.61
N ASN C 202 -11.99 -7.60 -11.07
CA ASN C 202 -12.08 -9.08 -11.05
C ASN C 202 -12.39 -9.71 -9.67
N TYR C 203 -13.20 -9.01 -8.87
CA TYR C 203 -13.36 -9.30 -7.44
C TYR C 203 -14.85 -9.21 -7.08
N VAL C 204 -15.70 -9.73 -7.99
CA VAL C 204 -17.14 -9.87 -7.80
C VAL C 204 -17.93 -8.55 -7.76
N LEU C 205 -17.64 -7.64 -6.84
CA LEU C 205 -18.21 -6.29 -6.92
C LEU C 205 -17.35 -5.42 -7.82
N THR C 206 -17.88 -4.97 -8.96
CA THR C 206 -17.10 -4.13 -9.82
C THR C 206 -17.37 -2.67 -9.65
N GLY C 207 -16.45 -1.83 -10.14
CA GLY C 207 -16.53 -0.39 -10.10
C GLY C 207 -17.76 0.09 -10.87
N LYS C 208 -17.96 -0.48 -12.04
CA LYS C 208 -19.16 -0.26 -12.84
C LYS C 208 -20.50 -0.57 -12.11
N MET C 209 -20.53 -1.66 -11.36
CA MET C 209 -21.72 -2.02 -10.59
C MET C 209 -21.88 -1.10 -9.39
N ILE C 210 -20.76 -0.66 -8.79
CA ILE C 210 -20.86 0.35 -7.73
C ILE C 210 -21.55 1.62 -8.22
N ARG C 211 -21.15 2.15 -9.38
CA ARG C 211 -21.77 3.31 -9.99
C ARG C 211 -23.24 3.08 -10.32
N TYR C 212 -23.58 1.93 -10.87
CA TYR C 212 -25.00 1.56 -11.19
C TYR C 212 -25.81 1.55 -9.90
N PHE C 213 -25.34 0.85 -8.88
CA PHE C 213 -26.07 0.87 -7.56
C PHE C 213 -26.22 2.25 -6.98
N GLY C 214 -25.19 3.09 -7.04
CA GLY C 214 -25.26 4.42 -6.53
C GLY C 214 -26.27 5.30 -7.24
N ASN C 215 -26.28 5.28 -8.57
CA ASN C 215 -27.26 6.06 -9.34
C ASN C 215 -28.69 5.56 -9.10
N MET C 216 -28.90 4.26 -8.86
CA MET C 216 -30.26 3.76 -8.52
C MET C 216 -30.78 4.23 -7.15
N TYR C 217 -29.92 4.28 -6.13
CA TYR C 217 -30.31 4.75 -4.78
C TYR C 217 -30.52 6.24 -4.70
N SER C 218 -29.69 7.02 -5.38
CA SER C 218 -29.66 8.45 -5.14
C SER C 218 -30.70 9.04 -6.07
N LYS C 219 -31.23 10.16 -5.66
CA LYS C 219 -31.99 11.04 -6.55
C LYS C 219 -31.27 11.70 -7.76
N ASN C 220 -30.20 12.55 -7.73
CA ASN C 220 -29.51 13.43 -6.72
C ASN C 220 -28.90 13.04 -5.36
N ILE C 225 -23.47 13.42 -1.35
CA ILE C 225 -22.69 14.14 -0.31
C ILE C 225 -23.44 14.66 0.97
N ASN C 226 -24.59 14.09 1.41
CA ASN C 226 -24.94 14.39 2.87
C ASN C 226 -24.72 13.14 3.80
N PRO C 227 -24.57 13.39 5.14
CA PRO C 227 -23.86 12.41 6.00
C PRO C 227 -24.71 11.20 6.17
N TYR C 228 -26.02 11.33 5.93
CA TYR C 228 -26.88 10.10 6.11
C TYR C 228 -26.91 9.23 4.90
N PHE C 229 -26.37 9.70 3.75
CA PHE C 229 -26.16 8.89 2.58
C PHE C 229 -24.71 8.37 2.67
N SER C 230 -23.80 9.28 3.06
CA SER C 230 -22.36 8.99 3.08
C SER C 230 -21.78 9.43 4.39
N PRO C 231 -21.74 8.51 5.35
CA PRO C 231 -21.26 8.91 6.64
C PRO C 231 -19.90 9.60 6.68
N LEU C 232 -19.03 9.29 5.70
CA LEU C 232 -17.72 9.94 5.71
C LEU C 232 -17.78 11.46 5.41
N VAL C 233 -18.95 11.94 4.99
CA VAL C 233 -19.19 13.41 4.84
C VAL C 233 -19.44 14.11 6.20
N ALA C 234 -19.74 13.34 7.27
CA ALA C 234 -19.92 13.92 8.60
C ALA C 234 -18.78 14.79 9.07
N ASP C 235 -19.18 15.81 9.82
CA ASP C 235 -18.26 16.77 10.46
C ASP C 235 -17.53 16.28 11.68
N ASP C 236 -18.13 15.30 12.35
CA ASP C 236 -17.86 15.04 13.74
C ASP C 236 -18.26 13.57 13.98
N PHE C 237 -17.28 12.82 14.51
CA PHE C 237 -17.52 11.42 14.92
C PHE C 237 -17.63 11.15 16.42
N SER C 238 -17.67 12.18 17.25
CA SER C 238 -17.69 11.94 18.68
C SER C 238 -19.08 11.36 19.07
N ASN C 239 -19.06 10.58 20.15
CA ASN C 239 -20.25 10.10 20.83
C ASN C 239 -21.03 9.16 19.98
N LEU C 240 -20.36 8.48 19.05
CA LEU C 240 -21.06 7.41 18.36
C LEU C 240 -20.88 6.08 19.13
N PRO C 241 -21.77 5.13 18.83
CA PRO C 241 -21.67 3.83 19.52
C PRO C 241 -20.38 3.10 19.23
N PRO C 242 -19.94 2.30 20.18
CA PRO C 242 -18.75 1.44 19.91
C PRO C 242 -18.93 0.67 18.62
N ALA C 243 -17.81 0.47 17.93
CA ALA C 243 -17.96 -0.10 16.53
C ALA C 243 -17.06 -1.33 16.43
N ILE C 244 -17.56 -2.25 15.59
CA ILE C 244 -16.70 -3.36 15.03
C ILE C 244 -16.79 -3.12 13.52
N MET C 245 -15.60 -2.98 12.90
CA MET C 245 -15.48 -2.76 11.46
C MET C 245 -14.76 -3.95 10.84
N VAL C 246 -15.35 -4.53 9.77
CA VAL C 246 -14.64 -5.67 9.08
C VAL C 246 -14.47 -5.16 7.63
N THR C 247 -13.21 -5.20 7.18
CA THR C 247 -12.97 -4.86 5.76
C THR C 247 -12.44 -6.07 5.12
N ASN C 248 -12.45 -6.05 3.77
CA ASN C 248 -11.83 -7.14 3.00
C ASN C 248 -10.63 -6.63 2.24
N GLU C 249 -9.54 -7.43 2.16
CA GLU C 249 -8.33 -6.93 1.49
C GLU C 249 -8.57 -6.56 -0.01
N TYR C 250 -9.30 -7.45 -0.68
CA TYR C 250 -9.47 -7.28 -2.18
C TYR C 250 -10.87 -6.80 -2.52
N ASP C 251 -11.11 -5.52 -2.16
CA ASP C 251 -12.50 -4.95 -2.28
C ASP C 251 -12.34 -3.48 -2.51
N PRO C 252 -12.99 -2.99 -3.61
CA PRO C 252 -12.89 -1.61 -3.94
C PRO C 252 -13.37 -0.70 -2.83
N LEU C 253 -14.26 -1.22 -1.94
CA LEU C 253 -14.80 -0.36 -0.85
C LEU C 253 -13.89 -0.29 0.37
N ARG C 254 -12.75 -0.96 0.34
CA ARG C 254 -11.93 -1.13 1.56
C ARG C 254 -11.34 0.17 2.13
N ASP C 255 -10.68 1.02 1.30
CA ASP C 255 -9.91 2.12 1.91
C ASP C 255 -10.82 3.10 2.68
N PRO C 256 -12.02 3.44 2.16
CA PRO C 256 -12.82 4.37 2.97
C PRO C 256 -13.25 3.78 4.31
N GLU C 257 -13.45 2.46 4.32
CA GLU C 257 -13.83 1.79 5.55
C GLU C 257 -12.74 1.84 6.57
N GLU C 258 -11.51 1.63 6.15
CA GLU C 258 -10.37 1.73 7.10
C GLU C 258 -10.20 3.15 7.63
N THR C 259 -10.44 4.13 6.76
CA THR C 259 -10.41 5.52 7.20
C THR C 259 -11.47 5.77 8.27
N TYR C 260 -12.66 5.21 8.05
CA TYR C 260 -13.79 5.40 8.95
C TYR C 260 -13.42 4.92 10.35
N VAL C 261 -12.86 3.72 10.46
CA VAL C 261 -12.55 3.25 11.77
C VAL C 261 -11.42 4.11 12.42
N LYS C 262 -10.49 4.70 11.67
CA LYS C 262 -9.46 5.59 12.21
C LYS C 262 -10.09 6.93 12.65
N LYS C 263 -11.06 7.39 11.87
CA LYS C 263 -11.79 8.64 12.31
C LYS C 263 -12.63 8.41 13.58
N LEU C 264 -13.26 7.23 13.75
CA LEU C 264 -13.90 6.90 15.05
C LEU C 264 -12.97 6.93 16.19
N ARG C 265 -11.78 6.29 16.04
CA ARG C 265 -10.80 6.26 17.14
C ARG C 265 -10.29 7.69 17.43
N GLU C 266 -10.09 8.47 16.36
CA GLU C 266 -9.56 9.85 16.47
C GLU C 266 -10.52 10.71 17.32
N ALA C 267 -11.80 10.39 17.20
CA ALA C 267 -12.86 11.05 18.01
C ALA C 267 -13.13 10.45 19.42
N GLY C 268 -12.42 9.37 19.77
CA GLY C 268 -12.53 8.71 21.07
C GLY C 268 -13.66 7.73 21.19
N VAL C 269 -14.16 7.25 20.04
CA VAL C 269 -15.17 6.24 20.05
C VAL C 269 -14.46 4.85 20.09
N ARG C 270 -14.92 3.96 20.96
CA ARG C 270 -14.36 2.59 21.01
C ARG C 270 -14.59 1.94 19.65
N ALA C 271 -13.52 1.36 19.09
CA ALA C 271 -13.71 0.74 17.77
C ALA C 271 -12.60 -0.28 17.63
N VAL C 272 -12.96 -1.39 17.00
CA VAL C 272 -11.94 -2.39 16.58
C VAL C 272 -12.21 -2.61 15.07
N GLY C 273 -11.12 -2.61 14.31
CA GLY C 273 -11.27 -2.87 12.84
C GLY C 273 -10.32 -4.01 12.50
N ILE C 274 -10.86 -4.90 11.61
CA ILE C 274 -9.98 -5.97 11.11
C ILE C 274 -10.17 -6.01 9.60
N ARG C 275 -9.07 -6.18 8.91
CA ARG C 275 -9.08 -6.50 7.44
C ARG C 275 -8.87 -7.96 7.27
N GLY C 276 -9.79 -8.57 6.49
CA GLY C 276 -9.70 -10.02 6.25
C GLY C 276 -8.73 -10.22 5.07
N ILE C 277 -7.62 -10.94 5.32
CA ILE C 277 -6.53 -11.14 4.33
C ILE C 277 -7.06 -12.14 3.27
N GLY C 278 -6.94 -11.68 2.04
CA GLY C 278 -7.39 -12.48 0.88
C GLY C 278 -8.89 -12.49 0.69
N MET C 279 -9.63 -11.66 1.43
CA MET C 279 -11.08 -11.70 1.30
C MET C 279 -11.57 -10.72 0.24
N ILE C 280 -12.82 -10.97 -0.22
CA ILE C 280 -13.41 -10.06 -1.20
C ILE C 280 -14.75 -9.51 -0.69
N HIS C 281 -15.31 -8.51 -1.38
CA HIS C 281 -16.67 -7.98 -0.99
C HIS C 281 -17.65 -9.12 -0.97
N GLY C 282 -18.52 -9.13 0.05
CA GLY C 282 -19.46 -10.19 0.17
C GLY C 282 -18.99 -11.35 1.03
N SER C 283 -17.71 -11.29 1.45
CA SER C 283 -17.14 -12.44 2.17
C SER C 283 -18.04 -12.98 3.30
N ALA C 284 -18.69 -12.11 4.08
CA ALA C 284 -19.43 -12.57 5.28
C ALA C 284 -20.62 -13.42 4.88
N THR C 285 -21.30 -13.03 3.76
CA THR C 285 -22.44 -13.81 3.37
C THR C 285 -21.99 -15.03 2.56
N ASP C 286 -20.68 -15.05 2.24
CA ASP C 286 -20.07 -16.22 1.60
C ASP C 286 -19.50 -17.18 2.66
N PHE C 287 -19.99 -17.15 3.90
CA PHE C 287 -19.54 -18.01 5.00
C PHE C 287 -19.67 -19.54 4.72
N GLU C 288 -20.51 -19.92 3.77
CA GLU C 288 -20.69 -21.36 3.43
C GLU C 288 -19.69 -21.77 2.38
N VAL C 289 -19.07 -20.82 1.66
CA VAL C 289 -18.12 -21.24 0.63
C VAL C 289 -16.65 -21.02 1.03
N SER C 290 -16.40 -20.11 1.98
CA SER C 290 -15.02 -19.82 2.41
C SER C 290 -14.87 -20.02 3.91
N ASP C 291 -14.00 -20.93 4.37
CA ASP C 291 -13.88 -21.19 5.79
C ASP C 291 -13.21 -19.99 6.45
N GLY C 292 -12.34 -19.30 5.72
CA GLY C 292 -11.68 -18.06 6.19
C GLY C 292 -12.75 -17.03 6.57
N ALA C 293 -13.64 -16.84 5.61
CA ALA C 293 -14.79 -15.94 5.83
C ALA C 293 -15.63 -16.40 6.99
N ARG C 294 -15.96 -17.69 7.05
CA ARG C 294 -16.79 -18.21 8.14
C ARG C 294 -16.14 -17.86 9.52
N ASN C 295 -14.82 -18.05 9.60
CA ASN C 295 -14.12 -17.76 10.91
C ASN C 295 -14.15 -16.27 11.22
N ILE C 296 -14.04 -15.39 10.20
CA ILE C 296 -14.12 -13.93 10.47
C ILE C 296 -15.52 -13.64 11.04
N VAL C 297 -16.56 -14.19 10.40
CA VAL C 297 -17.95 -13.95 10.89
C VAL C 297 -18.09 -14.49 12.32
N LYS C 298 -17.58 -15.68 12.57
CA LYS C 298 -17.60 -16.29 13.91
C LYS C 298 -16.89 -15.41 14.93
N MET C 299 -15.68 -14.88 14.58
CA MET C 299 -14.90 -14.03 15.47
C MET C 299 -15.83 -12.85 15.94
N VAL C 300 -16.37 -12.19 14.95
CA VAL C 300 -17.18 -10.97 15.25
C VAL C 300 -18.45 -11.36 16.08
N ALA C 301 -19.15 -12.38 15.66
CA ALA C 301 -20.41 -12.77 16.29
C ALA C 301 -20.13 -13.18 17.75
N ARG C 302 -18.95 -13.76 17.99
CA ARG C 302 -18.70 -14.26 19.36
C ARG C 302 -18.35 -13.12 20.32
N ILE C 303 -17.96 -11.97 19.78
CA ILE C 303 -17.69 -10.81 20.70
C ILE C 303 -18.90 -9.85 20.81
N ILE C 304 -19.87 -9.99 19.95
CA ILE C 304 -21.11 -9.10 20.00
C ILE C 304 -21.69 -9.07 21.45
N PRO C 305 -21.85 -10.26 22.09
CA PRO C 305 -22.58 -10.24 23.36
C PRO C 305 -21.96 -9.43 24.42
N ASP C 306 -20.65 -9.21 24.38
CA ASP C 306 -19.98 -8.39 25.35
C ASP C 306 -20.42 -6.92 25.32
N TYR C 307 -20.96 -6.43 24.19
CA TYR C 307 -21.41 -5.03 24.07
C TYR C 307 -22.88 -4.88 24.57
N LEU C 308 -23.58 -5.98 24.88
CA LEU C 308 -25.08 -5.98 25.04
C LEU C 308 -25.53 -6.30 26.50
N ASN D 5 7.39 7.83 8.62
CA ASN D 5 7.79 6.84 7.56
C ASN D 5 9.18 7.14 7.01
N MET D 6 9.39 7.14 5.67
CA MET D 6 10.71 7.45 5.14
C MET D 6 10.78 8.69 4.21
N VAL D 7 10.23 9.78 4.72
CA VAL D 7 10.24 11.04 3.96
C VAL D 7 11.67 11.49 3.75
N ASP D 8 12.00 12.10 2.60
CA ASP D 8 13.35 12.50 2.25
C ASP D 8 13.88 13.44 3.39
N PRO D 9 15.09 13.20 3.89
CA PRO D 9 15.54 14.13 5.03
C PRO D 9 15.68 15.60 4.60
N ASP D 10 15.79 15.91 3.32
CA ASP D 10 15.84 17.34 2.84
C ASP D 10 14.61 18.07 3.37
N PHE D 11 13.50 17.38 3.61
CA PHE D 11 12.30 18.02 4.05
C PHE D 11 12.20 18.29 5.56
N ASN D 12 13.15 17.74 6.35
CA ASN D 12 13.10 17.86 7.82
C ASN D 12 12.78 19.29 8.31
N SER D 13 13.49 20.29 7.76
CA SER D 13 13.29 21.72 8.09
C SER D 13 11.87 22.12 7.82
N LEU D 14 11.43 22.01 6.55
CA LEU D 14 10.04 22.37 6.22
C LEU D 14 9.03 21.70 7.06
N ILE D 15 9.26 20.43 7.42
CA ILE D 15 8.31 19.74 8.28
C ILE D 15 8.32 20.31 9.72
N GLU D 16 9.46 20.92 10.09
CA GLU D 16 9.54 21.73 11.33
C GLU D 16 8.86 23.10 11.18
N LEU D 17 9.30 23.91 10.20
CA LEU D 17 8.67 25.21 9.84
C LEU D 17 7.13 25.13 9.89
N SER D 18 6.59 24.05 9.33
CA SER D 18 5.16 23.72 9.36
C SER D 18 4.63 23.56 10.78
N LYS D 19 5.26 22.69 11.57
CA LYS D 19 4.77 22.38 12.91
C LYS D 19 4.78 23.59 13.89
N SER D 20 5.88 24.33 13.89
CA SER D 20 6.04 25.43 14.83
C SER D 20 5.26 26.71 14.46
N ALA D 21 4.75 26.76 13.22
CA ALA D 21 3.81 27.81 12.82
C ALA D 21 2.43 27.68 13.52
N GLY D 22 2.16 26.48 14.04
CA GLY D 22 0.91 26.21 14.77
C GLY D 22 -0.30 26.21 13.85
N ASP D 23 -1.48 26.45 14.43
CA ASP D 23 -2.73 26.50 13.67
C ASP D 23 -2.96 27.88 13.00
N MET D 24 -3.34 27.87 11.72
CA MET D 24 -3.52 29.12 10.94
C MET D 24 -4.92 29.28 10.34
N THR D 25 -5.79 28.30 10.58
CA THR D 25 -7.19 28.37 10.15
C THR D 25 -7.97 29.54 10.80
N LYS D 26 -7.32 30.25 11.74
CA LYS D 26 -7.98 31.29 12.56
C LYS D 26 -7.56 32.75 12.25
N ILE D 27 -6.48 32.91 11.48
CA ILE D 27 -5.95 34.22 11.05
C ILE D 27 -6.54 34.66 9.70
N GLU D 28 -6.92 35.94 9.57
CA GLU D 28 -7.54 36.50 8.34
C GLU D 28 -6.92 35.99 7.03
N PRO D 29 -7.76 35.56 6.07
CA PRO D 29 -7.16 34.95 4.87
C PRO D 29 -6.17 35.86 4.11
N ALA D 30 -6.53 37.14 3.95
CA ALA D 30 -5.65 38.11 3.33
C ALA D 30 -4.34 38.24 4.11
N MET D 31 -4.45 38.18 5.44
CA MET D 31 -3.28 38.20 6.36
C MET D 31 -2.37 36.99 6.12
N LEU D 32 -3.00 35.83 6.09
CA LEU D 32 -2.36 34.54 5.77
C LEU D 32 -1.65 34.53 4.40
N ARG D 33 -2.34 34.97 3.34
CA ARG D 33 -1.73 35.05 2.01
C ARG D 33 -0.43 35.82 2.09
N ASN D 34 -0.47 36.95 2.82
CA ASN D 34 0.70 37.85 2.85
C ASN D 34 1.96 37.24 3.45
N PHE D 35 1.72 36.52 4.53
CA PHE D 35 2.74 35.86 5.33
C PHE D 35 3.45 34.80 4.48
N LEU D 36 2.60 34.01 3.80
CA LEU D 36 3.03 32.83 3.05
C LEU D 36 3.79 33.26 1.81
N ASP D 37 3.30 34.32 1.16
CA ASP D 37 4.03 34.82 0.01
C ASP D 37 5.37 35.38 0.47
N GLU D 38 5.39 36.05 1.64
CA GLU D 38 6.66 36.64 2.13
C GLU D 38 7.71 35.58 2.51
N SER D 39 7.25 34.54 3.21
CA SER D 39 8.07 33.33 3.44
C SER D 39 8.70 32.79 2.17
N SER D 40 7.90 32.63 1.12
CA SER D 40 8.32 31.94 -0.09
C SER D 40 9.45 32.76 -0.78
N LEU D 41 9.41 34.06 -0.61
CA LEU D 41 10.41 34.89 -1.28
C LEU D 41 11.69 34.98 -0.48
N SER D 42 11.63 34.53 0.76
CA SER D 42 12.77 34.67 1.69
C SER D 42 14.09 33.90 1.36
N SER D 43 14.30 32.71 1.90
CA SER D 43 15.65 32.08 1.71
C SER D 43 15.94 31.52 0.29
N ARG D 44 15.53 32.24 -0.77
CA ARG D 44 15.51 31.75 -2.20
C ARG D 44 16.87 31.89 -2.92
N GLY D 45 17.04 31.17 -4.02
CA GLY D 45 18.36 31.15 -4.65
C GLY D 45 18.48 32.25 -5.67
N ALA D 46 19.67 32.38 -6.29
CA ALA D 46 19.84 33.16 -7.52
C ALA D 46 18.86 32.67 -8.61
N PRO D 47 18.16 33.63 -9.22
CA PRO D 47 17.29 33.19 -10.25
C PRO D 47 18.23 32.86 -11.37
N VAL D 48 17.98 31.73 -11.98
CA VAL D 48 18.67 31.37 -13.16
C VAL D 48 18.39 32.47 -14.18
N GLU D 49 19.38 32.77 -15.02
CA GLU D 49 19.24 33.84 -16.00
C GLU D 49 18.49 33.42 -17.25
N ILE D 50 17.56 34.27 -17.66
CA ILE D 50 16.69 33.97 -18.76
C ILE D 50 16.90 35.08 -19.79
N LYS D 51 17.12 34.73 -21.05
CA LYS D 51 17.40 35.76 -22.09
C LYS D 51 16.35 36.86 -22.06
N GLU D 52 15.10 36.51 -22.40
CA GLU D 52 14.03 37.51 -22.38
C GLU D 52 12.92 37.15 -21.40
N ILE D 53 12.58 38.14 -20.58
CA ILE D 53 11.40 38.13 -19.79
C ILE D 53 10.48 39.32 -20.20
N LYS D 54 9.18 39.07 -20.37
CA LYS D 54 8.21 40.10 -20.85
C LYS D 54 6.92 40.00 -20.01
N ASP D 55 6.44 41.13 -19.47
CA ASP D 55 5.17 41.22 -18.74
C ASP D 55 3.95 41.57 -19.58
N TYR D 56 2.83 40.91 -19.29
CA TYR D 56 1.62 41.04 -20.14
C TYR D 56 0.40 41.30 -19.33
N LYS D 57 -0.61 41.84 -20.02
CA LYS D 57 -1.91 42.09 -19.42
C LYS D 57 -2.89 41.28 -20.25
N ILE D 58 -3.56 40.32 -19.57
CA ILE D 58 -4.48 39.42 -20.25
C ILE D 58 -5.85 40.02 -19.98
N LYS D 59 -6.39 40.69 -21.00
CA LYS D 59 -7.61 41.48 -20.79
C LYS D 59 -8.81 40.59 -21.06
N LEU D 60 -9.45 40.12 -19.99
CA LEU D 60 -10.54 39.22 -20.23
C LEU D 60 -11.82 39.96 -19.97
N ASP D 61 -12.93 39.29 -20.28
CA ASP D 61 -14.24 39.75 -19.88
C ASP D 61 -14.33 40.14 -18.45
N GLY D 62 -14.26 41.45 -18.21
CA GLY D 62 -14.58 41.93 -16.87
C GLY D 62 -13.48 41.81 -15.83
N ARG D 63 -12.29 41.40 -16.25
CA ARG D 63 -11.12 41.35 -15.35
C ARG D 63 -9.88 41.28 -16.21
N THR D 64 -8.78 41.78 -15.64
CA THR D 64 -7.49 41.71 -16.31
C THR D 64 -6.50 40.94 -15.42
N LEU D 65 -5.79 39.99 -15.98
CA LEU D 65 -4.78 39.22 -15.20
C LEU D 65 -3.38 39.62 -15.64
N ASN D 66 -2.45 39.68 -14.67
CA ASN D 66 -1.01 39.75 -14.98
C ASN D 66 -0.49 38.41 -15.50
N ALA D 67 0.37 38.45 -16.49
CA ALA D 67 1.10 37.23 -16.95
C ALA D 67 2.56 37.61 -17.15
N ARG D 68 3.48 36.75 -16.74
CA ARG D 68 4.88 37.00 -17.03
C ARG D 68 5.38 35.91 -17.92
N MET D 69 6.01 36.28 -19.01
CA MET D 69 6.62 35.32 -19.88
C MET D 69 8.12 35.19 -19.67
N TYR D 70 8.57 33.93 -19.58
CA TYR D 70 9.97 33.62 -19.38
C TYR D 70 10.46 32.90 -20.62
N ASP D 71 11.52 33.42 -21.25
CA ASP D 71 12.00 32.77 -22.45
C ASP D 71 13.53 32.80 -22.59
N ASP D 72 14.14 31.61 -22.64
CA ASP D 72 15.61 31.48 -22.70
C ASP D 72 16.19 30.92 -24.00
N ASN D 73 15.38 30.77 -25.03
CA ASN D 73 15.78 29.99 -26.19
C ASN D 73 15.09 30.54 -27.42
N ASN D 74 14.65 31.81 -27.35
CA ASN D 74 13.79 32.35 -28.43
C ASN D 74 12.83 31.26 -28.92
N ALA D 75 12.02 30.76 -27.97
CA ALA D 75 11.28 29.51 -28.21
C ALA D 75 10.10 29.70 -29.13
N LYS D 76 9.89 28.75 -30.05
CA LYS D 76 8.68 28.66 -30.85
C LYS D 76 7.39 28.41 -30.03
N SER D 77 7.50 27.54 -29.03
CA SER D 77 6.29 26.99 -28.38
C SER D 77 6.27 27.42 -26.93
N ALA D 78 5.12 27.23 -26.25
CA ALA D 78 4.92 27.71 -24.91
C ALA D 78 4.14 26.71 -24.01
N ILE D 79 4.37 26.87 -22.72
CA ILE D 79 3.48 26.33 -21.68
C ILE D 79 2.88 27.46 -20.84
N LEU D 80 1.55 27.49 -20.67
CA LEU D 80 0.88 28.36 -19.72
C LEU D 80 0.96 27.70 -18.38
N TYR D 81 1.53 28.40 -17.43
CA TYR D 81 1.73 27.89 -16.12
C TYR D 81 0.79 28.51 -15.14
N TYR D 82 0.04 27.65 -14.46
CA TYR D 82 -0.76 28.08 -13.38
C TYR D 82 -0.22 27.72 -12.03
N HIS D 83 0.26 28.70 -11.27
CA HIS D 83 0.79 28.44 -9.91
C HIS D 83 -0.14 27.75 -8.89
N GLY D 84 0.47 27.06 -7.89
CA GLY D 84 -0.26 26.57 -6.79
C GLY D 84 -0.37 27.56 -5.62
N GLY D 85 -0.80 27.06 -4.48
CA GLY D 85 -1.06 27.90 -3.30
C GLY D 85 -2.45 27.77 -2.80
N GLY D 86 -3.10 26.60 -3.03
CA GLY D 86 -4.40 26.26 -2.50
C GLY D 86 -5.59 27.11 -2.94
N PHE D 87 -5.35 27.86 -4.01
CA PHE D 87 -6.31 28.88 -4.56
C PHE D 87 -6.33 30.10 -3.69
N LEU D 88 -5.51 30.11 -2.63
CA LEU D 88 -5.43 31.29 -1.72
C LEU D 88 -4.17 32.19 -1.90
N PHE D 89 -2.98 31.61 -2.04
CA PHE D 89 -1.74 32.35 -2.24
C PHE D 89 -0.94 31.94 -3.51
N GLY D 90 0.31 32.44 -3.63
CA GLY D 90 1.14 32.38 -4.81
C GLY D 90 0.84 33.54 -5.75
N ASN D 91 1.81 33.89 -6.59
CA ASN D 91 1.62 34.98 -7.51
C ASN D 91 2.86 34.93 -8.33
N ILE D 92 2.97 35.70 -9.41
CA ILE D 92 4.12 35.68 -10.28
C ILE D 92 5.41 35.81 -9.47
N GLU D 93 5.43 36.76 -8.53
CA GLU D 93 6.69 37.08 -7.82
C GLU D 93 7.20 35.88 -7.02
N THR D 94 6.31 35.23 -6.28
CA THR D 94 6.74 34.06 -5.46
C THR D 94 7.13 32.86 -6.39
N TYR D 95 6.50 32.75 -7.57
CA TYR D 95 6.84 31.66 -8.53
C TYR D 95 7.97 31.95 -9.51
N ASP D 96 8.56 33.19 -9.40
CA ASP D 96 9.44 33.66 -10.36
C ASP D 96 10.72 32.74 -10.47
N ASN D 97 11.37 32.43 -9.37
CA ASN D 97 12.57 31.54 -9.52
C ASN D 97 12.27 30.15 -10.17
N TYR D 98 11.14 29.63 -9.73
CA TYR D 98 10.61 28.30 -10.27
C TYR D 98 10.25 28.33 -11.73
N CYS D 99 9.52 29.37 -12.19
CA CYS D 99 9.25 29.52 -13.60
C CYS D 99 10.45 29.81 -14.43
N ARG D 100 11.40 30.61 -13.83
CA ARG D 100 12.69 30.69 -14.48
C ARG D 100 13.40 29.31 -14.73
N PHE D 101 13.40 28.53 -13.67
CA PHE D 101 14.02 27.18 -13.64
C PHE D 101 13.29 26.35 -14.68
N LEU D 102 11.97 26.39 -14.67
CA LEU D 102 11.27 25.70 -15.76
C LEU D 102 11.64 26.11 -17.23
N ALA D 103 11.71 27.44 -17.47
CA ALA D 103 12.11 27.94 -18.70
C ALA D 103 13.51 27.56 -19.14
N LYS D 104 14.45 27.60 -18.20
CA LYS D 104 15.84 27.26 -18.46
C LYS D 104 15.98 25.81 -18.78
N GLU D 105 15.23 24.97 -18.05
CA GLU D 105 15.42 23.50 -18.17
C GLU D 105 14.66 22.92 -19.35
N SER D 106 13.56 23.56 -19.74
CA SER D 106 12.74 23.14 -20.84
C SER D 106 13.11 23.75 -22.19
N GLY D 107 13.64 24.98 -22.10
CA GLY D 107 14.01 25.78 -23.27
C GLY D 107 12.81 26.18 -24.12
N VAL D 108 11.65 26.13 -23.51
CA VAL D 108 10.42 26.69 -24.10
C VAL D 108 9.93 27.89 -23.34
N LYS D 109 9.00 28.64 -23.98
CA LYS D 109 8.43 29.78 -23.29
C LYS D 109 7.56 29.23 -22.16
N ILE D 110 7.63 29.84 -21.00
CA ILE D 110 6.79 29.62 -19.84
C ILE D 110 6.01 30.92 -19.54
N ILE D 111 4.69 30.85 -19.59
CA ILE D 111 3.87 32.03 -19.31
C ILE D 111 3.13 31.88 -18.01
N SER D 112 3.61 32.50 -16.99
CA SER D 112 3.04 32.38 -15.70
C SER D 112 1.87 33.34 -15.44
N ILE D 113 0.68 32.76 -15.22
CA ILE D 113 -0.60 33.51 -15.15
C ILE D 113 -1.16 33.69 -13.76
N GLU D 114 -1.53 34.92 -13.35
CA GLU D 114 -2.16 35.15 -12.08
C GLU D 114 -3.64 35.10 -12.22
N TYR D 115 -4.25 33.95 -12.03
CA TYR D 115 -5.68 33.87 -11.83
C TYR D 115 -6.14 34.46 -10.50
N ARG D 116 -7.44 34.74 -10.41
CA ARG D 116 -8.03 35.31 -9.22
C ARG D 116 -8.14 34.39 -8.04
N LEU D 117 -7.92 34.93 -6.86
CA LEU D 117 -7.75 34.12 -5.67
C LEU D 117 -8.89 34.16 -4.66
N ALA D 118 -9.10 33.01 -3.98
CA ALA D 118 -10.01 32.89 -2.89
C ALA D 118 -9.40 33.49 -1.61
N PRO D 119 -10.24 33.92 -0.65
CA PRO D 119 -11.69 33.79 -0.74
C PRO D 119 -12.42 34.98 -1.41
N GLU D 120 -11.68 36.03 -1.82
CA GLU D 120 -12.30 37.17 -2.57
C GLU D 120 -13.07 36.69 -3.80
N HIS D 121 -12.45 35.80 -4.57
CA HIS D 121 -13.03 35.22 -5.77
C HIS D 121 -13.14 33.73 -5.56
N LYS D 122 -14.37 33.27 -5.54
CA LYS D 122 -14.66 31.84 -5.39
C LYS D 122 -14.81 31.13 -6.75
N PHE D 123 -14.77 29.78 -6.73
CA PHE D 123 -15.08 28.99 -7.90
C PHE D 123 -16.43 29.47 -8.48
N PRO D 124 -16.52 29.57 -9.82
CA PRO D 124 -15.57 29.24 -10.86
C PRO D 124 -14.62 30.36 -11.35
N ASP D 125 -14.35 31.39 -10.55
CA ASP D 125 -13.46 32.49 -11.07
C ASP D 125 -12.06 32.05 -11.54
N ALA D 126 -11.34 31.31 -10.67
CA ALA D 126 -9.97 30.98 -11.06
C ALA D 126 -10.08 29.98 -12.19
N PHE D 127 -11.06 29.06 -12.10
CA PHE D 127 -11.24 28.17 -13.29
C PHE D 127 -11.48 28.90 -14.59
N ASN D 128 -12.42 29.84 -14.53
CA ASN D 128 -12.69 30.59 -15.74
C ASN D 128 -11.48 31.43 -16.25
N ASP D 129 -10.67 31.92 -15.29
CA ASP D 129 -9.37 32.59 -15.60
C ASP D 129 -8.43 31.66 -16.35
N ALA D 130 -8.29 30.40 -15.86
CA ALA D 130 -7.43 29.53 -16.62
C ALA D 130 -7.91 29.15 -17.97
N TYR D 131 -9.17 28.74 -18.06
CA TYR D 131 -9.73 28.40 -19.35
C TYR D 131 -9.73 29.60 -20.36
N ASP D 132 -10.20 30.73 -19.88
CA ASP D 132 -10.25 32.00 -20.72
C ASP D 132 -8.86 32.47 -21.07
N SER D 133 -7.92 32.43 -20.10
CA SER D 133 -6.57 32.80 -20.48
C SER D 133 -5.94 31.87 -21.53
N PHE D 134 -6.14 30.51 -21.46
CA PHE D 134 -5.61 29.65 -22.48
C PHE D 134 -6.09 30.01 -23.94
N HIS D 135 -7.38 30.31 -23.99
CA HIS D 135 -8.05 30.63 -25.28
C HIS D 135 -7.65 32.06 -25.74
N TYR D 136 -7.50 32.95 -24.79
CA TYR D 136 -6.94 34.34 -25.08
C TYR D 136 -5.56 34.19 -25.72
N ILE D 137 -4.66 33.45 -25.07
CA ILE D 137 -3.36 33.32 -25.66
C ILE D 137 -3.39 32.51 -26.95
N ALA D 138 -4.24 31.48 -27.01
CA ALA D 138 -4.32 30.65 -28.24
C ALA D 138 -4.77 31.42 -29.50
N LYS D 139 -5.59 32.44 -29.27
CA LYS D 139 -6.02 33.35 -30.35
C LYS D 139 -4.97 34.47 -30.57
N LYS D 140 -4.28 34.92 -29.51
CA LYS D 140 -3.29 36.03 -29.60
C LYS D 140 -1.81 35.62 -29.63
N LYS D 141 -1.51 34.56 -30.38
CA LYS D 141 -0.24 33.84 -30.29
C LYS D 141 0.96 34.74 -30.55
N LYS D 142 0.82 35.52 -31.63
CA LYS D 142 1.81 36.42 -32.16
C LYS D 142 2.19 37.48 -31.16
N ASP D 143 1.24 37.93 -30.34
CA ASP D 143 1.51 38.93 -29.31
C ASP D 143 2.58 38.42 -28.33
N PHE D 144 2.59 37.10 -28.18
CA PHE D 144 3.46 36.40 -27.24
C PHE D 144 4.63 35.75 -27.98
N GLY D 145 4.62 35.87 -29.31
CA GLY D 145 5.74 35.45 -30.12
C GLY D 145 5.80 33.95 -30.27
N ILE D 146 4.64 33.33 -30.09
CA ILE D 146 4.50 31.90 -30.18
C ILE D 146 4.30 31.52 -31.64
N GLU D 147 5.24 30.77 -32.21
CA GLU D 147 5.06 30.30 -33.58
C GLU D 147 4.61 28.84 -33.63
N GLY D 148 4.77 28.09 -32.52
CA GLY D 148 4.39 26.69 -32.53
C GLY D 148 3.15 26.33 -31.72
N ARG D 149 3.32 25.44 -30.74
CA ARG D 149 2.20 24.89 -29.94
C ARG D 149 2.15 25.44 -28.55
N ILE D 150 1.00 25.29 -27.85
CA ILE D 150 0.79 25.78 -26.50
C ILE D 150 0.25 24.61 -25.66
N GLY D 151 0.97 24.31 -24.61
CA GLY D 151 0.37 23.43 -23.57
C GLY D 151 0.11 24.13 -22.25
N VAL D 152 -0.37 23.36 -21.28
CA VAL D 152 -0.72 23.95 -20.01
C VAL D 152 -0.09 23.15 -18.87
N ALA D 153 0.12 23.80 -17.77
CA ALA D 153 0.80 23.14 -16.62
C ALA D 153 0.48 23.82 -15.35
N GLY D 154 0.70 23.14 -14.24
CA GLY D 154 0.56 23.78 -12.98
C GLY D 154 1.06 22.84 -11.89
N ASP D 155 1.02 23.33 -10.67
CA ASP D 155 1.31 22.53 -9.48
C ASP D 155 0.22 22.72 -8.48
N SER D 156 -0.20 21.64 -7.81
CA SER D 156 -1.17 21.70 -6.73
C SER D 156 -2.54 22.32 -7.25
N ALA D 157 -3.02 23.41 -6.63
CA ALA D 157 -4.27 24.03 -7.14
C ALA D 157 -4.12 24.42 -8.59
N GLY D 158 -2.95 24.90 -9.02
CA GLY D 158 -2.85 25.25 -10.41
C GLY D 158 -2.89 24.11 -11.40
N ALA D 159 -2.38 22.94 -10.98
CA ALA D 159 -2.52 21.74 -11.75
C ALA D 159 -3.97 21.27 -11.80
N ASN D 160 -4.75 21.54 -10.77
CA ASN D 160 -6.24 21.30 -10.84
C ASN D 160 -6.77 22.17 -11.98
N LEU D 161 -6.31 23.43 -12.06
CA LEU D 161 -6.90 24.29 -13.12
C LEU D 161 -6.52 23.80 -14.47
N ALA D 162 -5.25 23.41 -14.65
CA ALA D 162 -4.77 22.89 -15.91
C ALA D 162 -5.60 21.65 -16.36
N ALA D 163 -5.81 20.71 -15.45
CA ALA D 163 -6.56 19.51 -15.80
C ALA D 163 -8.00 19.86 -16.14
N ALA D 164 -8.60 20.71 -15.32
CA ALA D 164 -10.00 21.09 -15.48
C ALA D 164 -10.21 21.82 -16.79
N LEU D 165 -9.31 22.78 -17.11
CA LEU D 165 -9.56 23.51 -18.35
C LEU D 165 -9.51 22.62 -19.56
N CYS D 166 -8.62 21.60 -19.57
CA CYS D 166 -8.55 20.64 -20.66
C CYS D 166 -9.89 19.86 -20.86
N LEU D 167 -10.54 19.45 -19.75
CA LEU D 167 -11.87 18.77 -19.77
C LEU D 167 -12.85 19.72 -20.50
N LYS D 168 -12.90 20.97 -20.00
CA LYS D 168 -13.80 21.95 -20.68
C LYS D 168 -13.53 22.14 -22.15
N CYS D 169 -12.27 22.19 -22.62
CA CYS D 169 -11.90 22.27 -24.04
C CYS D 169 -12.46 21.07 -24.86
N ARG D 170 -12.27 19.87 -24.28
CA ARG D 170 -12.73 18.63 -24.84
C ARG D 170 -14.26 18.65 -24.91
N ASP D 171 -14.96 19.09 -23.85
CA ASP D 171 -16.45 19.08 -23.74
C ASP D 171 -17.06 20.01 -24.79
N GLY D 172 -16.42 21.16 -24.99
CA GLY D 172 -16.95 22.16 -25.93
C GLY D 172 -16.40 21.95 -27.31
N LYS D 173 -15.59 20.91 -27.54
CA LYS D 173 -14.95 20.69 -28.82
C LYS D 173 -14.14 21.90 -29.24
N THR D 174 -13.53 22.61 -28.28
CA THR D 174 -12.71 23.76 -28.57
C THR D 174 -11.24 23.40 -28.89
N GLU D 175 -10.44 24.42 -29.21
CA GLU D 175 -9.02 24.20 -29.38
C GLU D 175 -8.48 23.56 -28.08
N MET D 176 -7.58 22.60 -28.25
CA MET D 176 -7.05 21.80 -27.10
C MET D 176 -5.63 22.14 -26.80
N PRO D 177 -5.25 22.18 -25.51
CA PRO D 177 -3.79 22.26 -25.26
C PRO D 177 -3.01 21.08 -25.83
N ALA D 178 -1.71 21.26 -26.15
CA ALA D 178 -0.87 20.23 -26.79
C ALA D 178 -0.43 19.14 -25.73
N VAL D 179 -0.39 19.60 -24.50
CA VAL D 179 0.03 18.73 -23.36
C VAL D 179 -0.50 19.32 -22.07
N GLN D 180 -0.74 18.47 -21.05
CA GLN D 180 -1.09 18.97 -19.72
C GLN D 180 0.01 18.40 -18.82
N VAL D 181 0.71 19.30 -18.12
CA VAL D 181 1.83 18.87 -17.21
C VAL D 181 1.35 19.16 -15.83
N LEU D 182 1.06 18.05 -15.02
CA LEU D 182 0.39 18.20 -13.80
C LEU D 182 1.28 17.79 -12.62
N PHE D 183 1.70 18.77 -11.84
CA PHE D 183 2.51 18.44 -10.64
C PHE D 183 1.50 18.41 -9.53
N TYR D 184 1.19 17.18 -9.01
CA TYR D 184 0.32 16.89 -7.88
C TYR D 184 -0.91 17.78 -7.72
N PRO D 185 -1.82 17.69 -8.69
CA PRO D 185 -3.10 18.43 -8.60
C PRO D 185 -4.04 17.96 -7.48
N SER D 186 -4.83 18.85 -6.87
CA SER D 186 -6.04 18.40 -6.25
C SER D 186 -7.03 18.00 -7.35
N LEU D 187 -7.78 16.91 -7.23
CA LEU D 187 -8.67 16.47 -8.32
C LEU D 187 -10.06 15.99 -7.90
N ALA D 188 -10.22 15.68 -6.63
CA ALA D 188 -11.39 14.85 -6.16
C ALA D 188 -11.84 15.42 -4.82
N PRO D 189 -13.11 15.14 -4.42
CA PRO D 189 -13.62 15.57 -3.12
C PRO D 189 -13.19 14.54 -2.08
N ASP D 190 -11.90 14.53 -1.78
CA ASP D 190 -11.37 13.34 -1.03
C ASP D 190 -11.04 13.70 0.41
N ASN D 191 -11.79 13.12 1.35
CA ASN D 191 -11.37 13.13 2.75
C ASN D 191 -11.29 11.68 3.26
N PHE D 192 -11.02 10.73 2.36
CA PHE D 192 -11.11 9.30 2.82
C PHE D 192 -10.21 8.29 2.17
N SER D 193 -9.44 8.68 1.17
CA SER D 193 -8.56 7.70 0.58
C SER D 193 -7.42 7.38 1.61
N ARG D 194 -6.69 6.33 1.28
CA ARG D 194 -5.61 5.94 2.20
C ARG D 194 -4.46 6.94 2.26
N SER D 195 -4.10 7.52 1.08
CA SER D 195 -3.07 8.52 1.17
C SER D 195 -3.59 9.74 2.00
N PHE D 196 -4.86 10.08 1.79
CA PHE D 196 -5.41 11.21 2.54
C PHE D 196 -5.30 11.01 4.06
N ILE D 197 -5.72 9.84 4.52
CA ILE D 197 -5.77 9.61 5.98
C ILE D 197 -4.40 9.32 6.52
N GLU D 198 -3.56 8.62 5.78
CA GLU D 198 -2.22 8.34 6.30
C GLU D 198 -1.29 9.50 6.46
N TYR D 199 -1.45 10.48 5.54
CA TYR D 199 -0.52 11.59 5.40
C TYR D 199 -1.36 12.91 5.73
N SER D 200 -2.44 12.73 6.45
CA SER D 200 -3.39 13.85 6.81
C SER D 200 -2.86 14.81 7.86
N ASP D 201 -1.76 14.45 8.53
CA ASP D 201 -1.03 15.42 9.38
C ASP D 201 0.45 15.26 9.31
N ASN D 202 1.20 16.37 9.44
CA ASN D 202 2.68 16.41 9.54
C ASN D 202 3.48 16.39 8.23
N TYR D 203 2.82 16.29 7.08
CA TYR D 203 3.59 16.26 5.86
C TYR D 203 3.42 17.57 5.11
N VAL D 204 3.45 18.69 5.86
CA VAL D 204 3.31 20.05 5.32
C VAL D 204 1.88 20.45 4.88
N LEU D 205 1.31 19.75 3.90
CA LEU D 205 -0.09 19.89 3.56
C LEU D 205 -0.91 18.95 4.40
N THR D 206 -1.74 19.53 5.26
CA THR D 206 -2.54 18.73 6.18
C THR D 206 -3.98 18.59 5.73
N GLY D 207 -4.66 17.59 6.31
CA GLY D 207 -6.08 17.30 6.14
C GLY D 207 -6.90 18.56 6.45
N LYS D 208 -6.49 19.27 7.49
CA LYS D 208 -7.19 20.49 7.91
C LYS D 208 -7.02 21.64 6.94
N MET D 209 -5.81 21.80 6.40
CA MET D 209 -5.56 22.82 5.40
C MET D 209 -6.26 22.52 4.08
N ILE D 210 -6.38 21.23 3.70
CA ILE D 210 -7.14 20.86 2.52
C ILE D 210 -8.64 21.31 2.63
N ARG D 211 -9.25 21.03 3.78
CA ARG D 211 -10.64 21.40 4.04
C ARG D 211 -10.77 22.93 4.04
N TYR D 212 -9.84 23.61 4.69
CA TYR D 212 -9.88 25.09 4.76
C TYR D 212 -9.76 25.77 3.39
N PHE D 213 -8.81 25.31 2.56
CA PHE D 213 -8.65 25.83 1.22
C PHE D 213 -9.89 25.49 0.40
N GLY D 214 -10.42 24.28 0.61
CA GLY D 214 -11.64 23.84 -0.03
C GLY D 214 -12.83 24.74 0.31
N ASN D 215 -13.00 25.05 1.60
CA ASN D 215 -14.06 25.95 2.08
C ASN D 215 -13.92 27.38 1.50
N MET D 216 -12.69 27.91 1.44
CA MET D 216 -12.40 29.26 0.85
C MET D 216 -12.71 29.41 -0.66
N TYR D 217 -12.32 28.41 -1.47
CA TYR D 217 -12.59 28.38 -2.92
C TYR D 217 -14.05 28.02 -3.33
N SER D 218 -14.68 27.11 -2.62
CA SER D 218 -16.00 26.70 -3.03
C SER D 218 -17.10 27.62 -2.44
N LYS D 219 -18.24 27.70 -3.11
CA LYS D 219 -19.48 28.08 -2.43
C LYS D 219 -20.03 26.72 -1.94
N ASN D 220 -21.06 26.18 -2.58
CA ASN D 220 -21.67 24.90 -2.17
C ASN D 220 -21.94 23.94 -3.31
N ILE D 225 -18.53 18.82 -6.03
CA ILE D 225 -18.77 17.79 -7.05
C ILE D 225 -19.08 18.18 -8.52
N ASN D 226 -18.70 19.39 -9.03
CA ASN D 226 -18.71 19.55 -10.52
C ASN D 226 -17.33 19.26 -11.17
N PRO D 227 -17.30 18.74 -12.44
CA PRO D 227 -16.04 18.21 -13.06
C PRO D 227 -15.02 19.28 -13.30
N TYR D 228 -15.48 20.54 -13.36
CA TYR D 228 -14.54 21.64 -13.49
C TYR D 228 -13.96 22.11 -12.21
N PHE D 229 -14.51 21.69 -11.07
CA PHE D 229 -13.94 21.89 -9.75
C PHE D 229 -13.09 20.63 -9.47
N SER D 230 -13.66 19.48 -9.80
CA SER D 230 -13.04 18.17 -9.42
C SER D 230 -13.00 17.27 -10.66
N PRO D 231 -11.93 17.26 -11.47
CA PRO D 231 -11.92 16.53 -12.70
C PRO D 231 -12.24 15.01 -12.62
N LEU D 232 -11.98 14.41 -11.47
CA LEU D 232 -12.23 12.95 -11.27
C LEU D 232 -13.74 12.66 -11.26
N VAL D 233 -14.56 13.72 -11.28
CA VAL D 233 -16.05 13.57 -11.45
C VAL D 233 -16.47 13.42 -12.90
N ALA D 234 -15.63 13.77 -13.85
CA ALA D 234 -15.91 13.62 -15.27
C ALA D 234 -16.37 12.20 -15.56
N ASP D 235 -17.21 12.05 -16.59
CA ASP D 235 -17.76 10.74 -16.96
C ASP D 235 -16.91 10.08 -18.05
N ASP D 236 -16.01 10.83 -18.65
CA ASP D 236 -15.33 10.42 -19.88
C ASP D 236 -13.95 11.12 -19.89
N PHE D 237 -12.91 10.32 -20.07
CA PHE D 237 -11.55 10.90 -20.20
C PHE D 237 -10.99 10.81 -21.60
N SER D 238 -11.78 10.51 -22.66
CA SER D 238 -11.16 10.29 -23.97
C SER D 238 -10.86 11.67 -24.57
N ASN D 239 -9.95 11.66 -25.51
CA ASN D 239 -9.56 12.86 -26.33
C ASN D 239 -9.10 14.03 -25.47
N LEU D 240 -8.46 13.73 -24.33
CA LEU D 240 -7.83 14.86 -23.59
C LEU D 240 -6.39 14.94 -24.02
N PRO D 241 -5.72 16.09 -23.68
CA PRO D 241 -4.37 16.13 -24.17
C PRO D 241 -3.41 15.12 -23.49
N PRO D 242 -2.35 14.74 -24.20
CA PRO D 242 -1.25 13.91 -23.58
C PRO D 242 -0.84 14.53 -22.22
N ALA D 243 -0.57 13.64 -21.25
CA ALA D 243 -0.40 14.18 -19.88
C ALA D 243 0.96 13.66 -19.35
N ILE D 244 1.52 14.53 -18.48
CA ILE D 244 2.63 14.14 -17.55
C ILE D 244 2.10 14.40 -16.18
N MET D 245 2.09 13.33 -15.35
CA MET D 245 1.61 13.47 -13.98
C MET D 245 2.77 13.16 -13.03
N VAL D 246 2.93 14.06 -12.06
CA VAL D 246 3.95 13.85 -11.01
C VAL D 246 3.18 13.78 -9.70
N THR D 247 3.39 12.68 -8.97
CA THR D 247 2.83 12.51 -7.62
C THR D 247 3.95 12.39 -6.62
N ASN D 248 3.58 12.66 -5.37
CA ASN D 248 4.53 12.51 -4.26
C ASN D 248 4.16 11.34 -3.34
N GLU D 249 5.21 10.56 -2.98
CA GLU D 249 4.92 9.41 -2.13
C GLU D 249 4.12 9.79 -0.84
N TYR D 250 4.63 10.82 -0.11
CA TYR D 250 4.02 11.13 1.17
C TYR D 250 3.21 12.41 1.11
N ASP D 251 2.04 12.26 0.52
CA ASP D 251 1.20 13.45 0.20
C ASP D 251 -0.22 13.01 0.20
N PRO D 252 -1.12 13.63 1.00
CA PRO D 252 -2.46 13.25 1.05
C PRO D 252 -3.19 13.18 -0.31
N LEU D 253 -2.72 14.02 -1.26
CA LEU D 253 -3.38 14.14 -2.56
C LEU D 253 -2.97 13.03 -3.54
N ARG D 254 -2.04 12.15 -3.11
CA ARG D 254 -1.37 11.15 -4.03
C ARG D 254 -2.37 10.21 -4.66
N ASP D 255 -3.21 9.50 -3.88
CA ASP D 255 -3.94 8.41 -4.51
C ASP D 255 -4.89 8.82 -5.65
N PRO D 256 -5.62 9.97 -5.47
CA PRO D 256 -6.53 10.34 -6.57
C PRO D 256 -5.75 10.68 -7.86
N GLU D 257 -4.54 11.22 -7.70
CA GLU D 257 -3.72 11.55 -8.89
C GLU D 257 -3.27 10.35 -9.65
N GLU D 258 -2.90 9.29 -8.92
CA GLU D 258 -2.43 8.07 -9.56
C GLU D 258 -3.68 7.41 -10.23
N THR D 259 -4.85 7.51 -9.60
CA THR D 259 -6.06 7.05 -10.31
C THR D 259 -6.29 7.82 -11.59
N TYR D 260 -6.06 9.14 -11.56
CA TYR D 260 -6.28 9.92 -12.79
C TYR D 260 -5.45 9.48 -13.97
N VAL D 261 -4.12 9.24 -13.76
CA VAL D 261 -3.26 8.70 -14.78
C VAL D 261 -3.81 7.42 -15.41
N LYS D 262 -4.29 6.56 -14.52
CA LYS D 262 -4.79 5.26 -14.90
C LYS D 262 -6.08 5.46 -15.74
N LYS D 263 -6.92 6.38 -15.33
CA LYS D 263 -8.12 6.69 -16.14
C LYS D 263 -7.80 7.25 -17.49
N LEU D 264 -6.78 8.12 -17.55
CA LEU D 264 -6.41 8.64 -18.89
C LEU D 264 -5.98 7.53 -19.78
N ARG D 265 -5.08 6.60 -19.26
CA ARG D 265 -4.57 5.53 -20.11
C ARG D 265 -5.73 4.59 -20.52
N GLU D 266 -6.69 4.44 -19.62
CA GLU D 266 -7.79 3.53 -19.97
C GLU D 266 -8.58 4.10 -21.12
N ALA D 267 -8.66 5.43 -21.15
CA ALA D 267 -9.39 6.14 -22.18
C ALA D 267 -8.61 6.36 -23.49
N GLY D 268 -7.38 5.85 -23.53
CA GLY D 268 -6.50 5.95 -24.69
C GLY D 268 -5.81 7.28 -24.85
N VAL D 269 -5.71 8.04 -23.75
CA VAL D 269 -4.93 9.29 -23.75
C VAL D 269 -3.50 8.98 -23.44
N ARG D 270 -2.56 9.55 -24.19
CA ARG D 270 -1.10 9.38 -23.96
C ARG D 270 -0.80 9.96 -22.55
N ALA D 271 -0.15 9.21 -21.65
CA ALA D 271 0.07 9.75 -20.23
C ALA D 271 1.24 8.95 -19.65
N VAL D 272 2.12 9.71 -18.98
CA VAL D 272 3.22 9.12 -18.20
C VAL D 272 3.02 9.68 -16.79
N GLY D 273 3.10 8.76 -15.85
CA GLY D 273 2.93 9.21 -14.42
C GLY D 273 4.12 8.66 -13.61
N ILE D 274 4.69 9.55 -12.77
CA ILE D 274 5.80 9.12 -11.89
C ILE D 274 5.50 9.56 -10.47
N ARG D 275 5.79 8.66 -9.51
CA ARG D 275 5.64 9.00 -8.08
C ARG D 275 7.04 9.23 -7.62
N GLY D 276 7.25 10.38 -6.96
CA GLY D 276 8.55 10.66 -6.39
C GLY D 276 8.72 10.01 -5.03
N ILE D 277 9.72 9.16 -4.96
CA ILE D 277 9.93 8.35 -3.74
C ILE D 277 10.48 9.29 -2.64
N GLY D 278 9.78 9.25 -1.50
CA GLY D 278 10.26 10.08 -0.32
C GLY D 278 9.79 11.54 -0.50
N MET D 279 9.07 11.89 -1.58
CA MET D 279 8.69 13.33 -1.74
C MET D 279 7.38 13.63 -0.98
N ILE D 280 7.19 14.98 -0.78
CA ILE D 280 5.99 15.49 -0.13
C ILE D 280 5.36 16.55 -1.04
N HIS D 281 4.12 16.95 -0.65
CA HIS D 281 3.40 18.07 -1.33
C HIS D 281 4.29 19.29 -1.40
N GLY D 282 4.30 19.96 -2.55
CA GLY D 282 5.18 21.12 -2.68
C GLY D 282 6.56 20.79 -3.13
N SER D 283 6.84 19.48 -3.35
CA SER D 283 8.16 19.17 -3.83
C SER D 283 8.77 19.96 -4.97
N ALA D 284 8.02 20.22 -6.07
CA ALA D 284 8.53 20.87 -7.21
C ALA D 284 9.00 22.32 -6.85
N THR D 285 8.19 23.00 -6.08
CA THR D 285 8.55 24.39 -5.74
C THR D 285 9.62 24.39 -4.63
N ASP D 286 9.92 23.20 -4.09
CA ASP D 286 11.12 22.94 -3.20
C ASP D 286 12.41 22.57 -3.94
N PHE D 287 12.53 22.83 -5.23
CA PHE D 287 13.65 22.42 -6.05
C PHE D 287 14.97 23.04 -5.52
N GLU D 288 14.86 24.14 -4.74
CA GLU D 288 16.14 24.79 -4.30
C GLU D 288 16.63 24.21 -3.00
N VAL D 289 15.81 23.38 -2.37
CA VAL D 289 15.88 22.83 -1.02
C VAL D 289 16.11 21.27 -1.04
N SER D 290 15.56 20.62 -2.06
CA SER D 290 15.72 19.11 -2.15
C SER D 290 16.29 18.74 -3.49
N ASP D 291 17.44 18.07 -3.51
CA ASP D 291 18.05 17.70 -4.76
C ASP D 291 17.20 16.63 -5.51
N GLY D 292 16.61 15.73 -4.76
CA GLY D 292 15.67 14.73 -5.39
C GLY D 292 14.55 15.47 -6.09
N ALA D 293 13.94 16.42 -5.38
CA ALA D 293 12.85 17.20 -6.02
C ALA D 293 13.36 17.94 -7.20
N ARG D 294 14.55 18.59 -7.11
CA ARG D 294 15.09 19.32 -8.25
C ARG D 294 15.29 18.42 -9.54
N ASN D 295 15.73 17.17 -9.30
CA ASN D 295 15.94 16.23 -10.40
C ASN D 295 14.60 15.83 -10.98
N ILE D 296 13.57 15.67 -10.13
CA ILE D 296 12.21 15.35 -10.70
C ILE D 296 11.72 16.47 -11.60
N VAL D 297 11.88 17.70 -11.12
CA VAL D 297 11.46 18.86 -11.95
C VAL D 297 12.29 18.93 -13.21
N LYS D 298 13.65 18.74 -13.13
CA LYS D 298 14.49 18.71 -14.32
C LYS D 298 14.07 17.63 -15.33
N MET D 299 13.69 16.42 -14.84
CA MET D 299 13.26 15.30 -15.66
C MET D 299 12.03 15.73 -16.46
N VAL D 300 11.07 16.34 -15.80
CA VAL D 300 9.83 16.71 -16.51
C VAL D 300 10.09 17.87 -17.48
N ALA D 301 10.80 18.87 -16.96
CA ALA D 301 11.02 20.03 -17.88
C ALA D 301 11.79 19.65 -19.16
N ARG D 302 12.70 18.69 -19.09
CA ARG D 302 13.51 18.29 -20.19
C ARG D 302 12.79 17.51 -21.25
N ILE D 303 11.64 16.90 -20.90
CA ILE D 303 10.83 16.22 -21.94
C ILE D 303 9.67 17.04 -22.49
N ILE D 304 9.24 18.07 -21.77
CA ILE D 304 8.20 19.00 -22.24
C ILE D 304 8.37 19.40 -23.72
N PRO D 305 9.59 19.76 -24.14
CA PRO D 305 9.62 20.23 -25.56
C PRO D 305 9.20 19.24 -26.66
N ASP D 306 9.32 17.93 -26.36
CA ASP D 306 8.99 16.89 -27.24
C ASP D 306 7.50 16.90 -27.55
N TYR D 307 6.70 17.58 -26.72
CA TYR D 307 5.22 17.62 -26.86
C TYR D 307 4.81 18.90 -27.60
N LEU D 308 5.76 19.77 -27.90
CA LEU D 308 5.40 21.14 -28.42
C LEU D 308 5.87 21.48 -29.87
#